data_4FYG
#
_entry.id   4FYG
#
_cell.length_a   71.230
_cell.length_b   114.833
_cell.length_c   124.366
_cell.angle_alpha   90.00
_cell.angle_beta   90.00
_cell.angle_gamma   90.00
#
_symmetry.space_group_name_H-M   'P 21 21 21'
#
loop_
_entity.id
_entity.type
_entity.pdbx_description
1 polymer 'SidF, inhibitor of growth family, member 3'
2 non-polymer '(2R)-3-{[(S)-hydroxy{[(1S,2R,3R,4S,5S,6S)-2,3,6-trihydroxy-4,5-bis(phosphonooxy)cyclohexyl]oxy}phosphoryl]oxy}propane-1,2-diyl dibutanoate'
3 water water
#
_entity_poly.entity_id   1
_entity_poly.type   'polypeptide(L)'
_entity_poly.pdbx_seq_one_letter_code
;SMPRITENIETYVTHLLSDLEPVPSQNQHLAYGYPGERQVFKDPMLDGKQVVVVNSQYDKHGRPVTGQPDVIQEANNYID
NLVAAAKSLIDKDKKGEKDLRKNAIDEMAKTFKKSISETIPSDKAKADLFSSKKSSANKDFLEQLAKVEGSLQQFTQAVA
KASGHKLKALDKEGHNIRSHNRDTLIHRFKAPNSKEGEEQFIMYIPCGRYTKRQQRLMGKDESEVNRDHDTTSHKRSDLV
LGNSSMARMIAGTRHSDGTVTIHHDSFSGPGARMPYSDFKGADDYKKLAIKAVTLINQEEVIQTLAQRQIDRMTNEDLWN
KIPEEYRPDELPPDAEKARAQLIKLYVEHNPLSVTECYTQVVTAGQRVAAENQKEQFEYVRQMMDAFDGSKAKITIQTGS
NTEVETAVGYQARMSSWGVNWFRQVGALNPLSDNSVTKNQNARFVNQMTDDVIRNLDKVAQNLGDYDKAGALHTLLKGPD
VSDLNQQITEKENALKEVKGAYREALFSYFEEYQKGEGKWDQAKLDQLKNQVDGYEKSIKKQESAIYELHNQIDALRKAY
YTEHKGQINKALQELKEQISPVIQNKETDPETKSRLQHFYNSCAYLTQAQELYYENTWHHGKNNFKLQTLMASLSCELDY
ANTKGSKSNNDRGQRLAQKIVGNALWTAMSEDGLYTGEFLDHRRTHGKEVSNVEQLDRELTTIQALHHTANTGVSGGKFE
IQDKANFADNGLFGKVANFAKIKEMGPENAFTKNMGTKIKA
;
_entity_poly.pdbx_strand_id   A
#
# COMPACT_ATOMS: atom_id res chain seq x y z
N MET A 2 -7.22 0.33 -21.00
CA MET A 2 -8.01 -0.60 -20.19
C MET A 2 -7.12 -1.65 -19.56
N PRO A 3 -6.06 -2.01 -20.28
CA PRO A 3 -5.08 -3.01 -19.83
C PRO A 3 -4.17 -2.52 -18.70
N ARG A 4 -3.85 -3.43 -17.79
CA ARG A 4 -2.82 -3.19 -16.79
C ARG A 4 -1.46 -3.45 -17.42
N ILE A 5 -0.38 -3.07 -16.74
CA ILE A 5 0.92 -3.15 -17.37
C ILE A 5 1.25 -4.58 -17.77
N THR A 6 1.64 -4.75 -19.03
CA THR A 6 2.05 -6.03 -19.55
C THR A 6 3.50 -5.99 -20.01
N GLU A 7 4.16 -4.86 -19.79
CA GLU A 7 5.54 -4.68 -20.18
C GLU A 7 6.43 -4.88 -18.97
N ASN A 8 7.74 -4.94 -19.19
CA ASN A 8 8.64 -5.03 -18.06
C ASN A 8 8.71 -3.71 -17.26
N ILE A 9 8.49 -3.82 -15.95
CA ILE A 9 8.47 -2.67 -15.05
C ILE A 9 9.65 -1.72 -15.24
N GLU A 10 10.86 -2.25 -15.34
CA GLU A 10 11.98 -1.33 -15.52
C GLU A 10 11.74 -0.49 -16.75
N THR A 11 11.29 -1.13 -17.83
CA THR A 11 11.02 -0.42 -19.08
C THR A 11 9.89 0.60 -18.95
N TYR A 12 8.82 0.23 -18.26
CA TYR A 12 7.68 1.14 -18.12
C TYR A 12 8.08 2.39 -17.35
N VAL A 13 8.88 2.21 -16.32
CA VAL A 13 9.30 3.33 -15.50
C VAL A 13 10.17 4.24 -16.32
N THR A 14 11.09 3.65 -17.06
CA THR A 14 12.01 4.41 -17.87
C THR A 14 11.24 5.30 -18.83
N HIS A 15 10.17 4.80 -19.44
CA HIS A 15 9.38 5.64 -20.32
C HIS A 15 8.69 6.72 -19.57
N LEU A 16 8.19 6.39 -18.39
CA LEU A 16 7.42 7.38 -17.60
C LEU A 16 8.28 8.58 -17.22
N LEU A 17 9.59 8.41 -17.18
CA LEU A 17 10.43 9.55 -16.85
C LEU A 17 10.98 10.36 -18.04
N SER A 18 10.58 10.06 -19.27
CA SER A 18 11.10 10.84 -20.41
C SER A 18 10.27 12.07 -20.59
N ASP A 19 10.39 12.63 -21.80
CA ASP A 19 9.50 13.68 -22.30
C ASP A 19 8.19 13.08 -22.72
N LEU A 20 7.11 13.56 -22.10
CA LEU A 20 5.80 13.06 -22.40
C LEU A 20 5.00 14.18 -23.02
N GLU A 21 3.88 13.83 -23.66
CA GLU A 21 3.02 14.85 -24.24
C GLU A 21 2.18 15.57 -23.18
N PRO A 22 2.33 16.91 -23.07
CA PRO A 22 1.49 17.75 -22.19
C PRO A 22 0.00 17.57 -22.49
N VAL A 23 -0.84 17.66 -21.47
CA VAL A 23 -2.29 17.54 -21.64
C VAL A 23 -2.93 18.84 -21.22
N PRO A 24 -3.86 19.36 -22.05
CA PRO A 24 -4.64 20.58 -21.75
C PRO A 24 -5.67 20.38 -20.59
N SER A 25 -5.99 21.47 -19.89
CA SER A 25 -6.86 21.40 -18.71
C SER A 25 -8.22 20.75 -19.00
N GLN A 26 -8.82 21.15 -20.13
CA GLN A 26 -10.09 20.58 -20.56
C GLN A 26 -10.05 19.06 -20.69
N ASN A 27 -8.87 18.47 -20.86
CA ASN A 27 -8.77 17.02 -21.04
C ASN A 27 -8.35 16.16 -19.86
N GLN A 28 -8.07 16.78 -18.71
CA GLN A 28 -7.71 16.04 -17.51
C GLN A 28 -8.91 15.25 -16.99
N HIS A 29 -8.66 14.09 -16.37
CA HIS A 29 -9.74 13.34 -15.74
C HIS A 29 -10.20 13.90 -14.43
N LEU A 30 -9.47 14.84 -13.86
CA LEU A 30 -9.62 15.18 -12.46
C LEU A 30 -8.79 16.42 -12.23
N ALA A 31 -9.28 17.30 -11.36
CA ALA A 31 -8.63 18.58 -11.07
C ALA A 31 -7.53 18.48 -10.01
N TYR A 32 -6.25 18.60 -10.38
CA TYR A 32 -5.18 18.55 -9.36
C TYR A 32 -4.69 19.86 -8.73
N GLY A 33 -5.01 21.02 -9.33
CA GLY A 33 -4.69 22.32 -8.77
C GLY A 33 -3.22 22.55 -8.86
N TYR A 34 -2.77 23.73 -8.43
CA TYR A 34 -1.35 24.09 -8.44
C TYR A 34 -0.79 24.09 -9.86
N PRO A 35 -1.38 24.89 -10.77
CA PRO A 35 -0.84 24.95 -12.15
C PRO A 35 0.69 25.16 -12.19
N GLY A 36 1.36 24.40 -13.02
CA GLY A 36 2.79 24.58 -13.18
C GLY A 36 3.60 23.80 -12.18
N GLU A 37 2.98 23.40 -11.06
CA GLU A 37 3.61 22.47 -10.13
C GLU A 37 3.15 21.05 -10.42
N ARG A 38 1.83 20.85 -10.39
CA ARG A 38 1.27 19.52 -10.63
C ARG A 38 0.95 19.39 -12.11
N GLN A 39 1.94 18.97 -12.90
CA GLN A 39 1.76 18.93 -14.36
C GLN A 39 1.14 17.61 -14.85
N VAL A 40 0.38 17.68 -15.95
CA VAL A 40 -0.34 16.51 -16.41
C VAL A 40 -0.03 16.15 -17.85
N PHE A 41 0.38 14.90 -18.07
CA PHE A 41 0.84 14.40 -19.37
C PHE A 41 0.10 13.13 -19.75
N LYS A 42 0.21 12.72 -21.02
CA LYS A 42 -0.31 11.40 -21.45
C LYS A 42 0.68 10.32 -21.12
N ASP A 43 0.17 9.22 -20.60
CA ASP A 43 0.94 7.99 -20.45
C ASP A 43 1.63 7.57 -21.77
N PRO A 44 2.94 7.29 -21.71
CA PRO A 44 3.73 7.05 -22.93
C PRO A 44 3.43 5.70 -23.56
N MET A 45 2.56 4.91 -22.91
CA MET A 45 2.27 3.59 -23.40
C MET A 45 0.80 3.31 -23.54
N LEU A 46 0.02 3.74 -22.57
CA LEU A 46 -1.41 3.45 -22.56
C LEU A 46 -2.18 4.61 -23.14
N ASP A 47 -3.05 4.31 -24.08
CA ASP A 47 -3.79 5.36 -24.73
C ASP A 47 -5.00 5.79 -23.88
N GLY A 48 -5.12 7.09 -23.60
CA GLY A 48 -6.20 7.58 -22.73
C GLY A 48 -5.80 7.63 -21.25
N LYS A 49 -4.64 7.08 -20.90
CA LYS A 49 -4.12 7.19 -19.53
C LYS A 49 -3.26 8.43 -19.33
N GLN A 50 -3.36 8.98 -18.13
CA GLN A 50 -2.68 10.22 -17.80
C GLN A 50 -1.71 10.06 -16.64
N VAL A 51 -0.86 11.06 -16.46
CA VAL A 51 0.24 11.01 -15.51
C VAL A 51 0.41 12.35 -14.89
N VAL A 52 0.53 12.37 -13.58
CA VAL A 52 0.83 13.59 -12.90
C VAL A 52 2.25 13.53 -12.37
N VAL A 53 2.98 14.63 -12.55
CA VAL A 53 4.39 14.72 -12.18
C VAL A 53 4.67 16.05 -11.49
N VAL A 54 5.24 15.97 -10.28
CA VAL A 54 5.76 17.14 -9.61
C VAL A 54 7.26 17.06 -9.49
N ASN A 55 7.96 18.17 -9.82
CA ASN A 55 9.39 18.35 -9.48
C ASN A 55 9.58 19.17 -8.23
N SER A 56 10.41 18.75 -7.29
CA SER A 56 10.70 19.67 -6.20
C SER A 56 11.35 20.94 -6.73
N GLN A 57 10.94 22.07 -6.16
CA GLN A 57 11.57 23.38 -6.36
C GLN A 57 11.80 23.97 -4.95
N TYR A 58 12.84 24.79 -4.80
CA TYR A 58 13.20 25.32 -3.48
C TYR A 58 13.24 26.84 -3.47
N ASP A 59 13.08 27.43 -2.29
CA ASP A 59 13.34 28.86 -2.07
C ASP A 59 14.84 29.11 -1.79
N LYS A 60 15.20 30.38 -1.58
CA LYS A 60 16.60 30.80 -1.25
C LYS A 60 17.24 30.07 -0.04
N HIS A 61 16.42 29.51 0.86
CA HIS A 61 16.93 28.91 2.09
C HIS A 61 17.03 27.43 1.95
N GLY A 62 16.78 26.93 0.74
CA GLY A 62 16.78 25.50 0.51
C GLY A 62 15.53 24.80 1.03
N ARG A 63 14.49 25.55 1.39
CA ARG A 63 13.26 24.92 1.87
C ARG A 63 12.29 24.67 0.69
N PRO A 64 11.49 23.60 0.77
CA PRO A 64 10.62 23.32 -0.38
C PRO A 64 9.51 24.30 -0.55
N VAL A 65 9.34 24.78 -1.76
CA VAL A 65 8.21 25.61 -2.17
C VAL A 65 7.03 24.73 -2.66
N THR A 66 7.34 23.62 -3.33
CA THR A 66 6.38 22.66 -3.84
C THR A 66 5.84 21.81 -2.71
N GLY A 67 4.75 21.11 -2.97
CA GLY A 67 4.10 20.28 -1.96
C GLY A 67 3.75 21.01 -0.66
N GLN A 68 3.31 22.27 -0.75
CA GLN A 68 2.78 23.00 0.39
C GLN A 68 1.29 23.31 0.20
N PRO A 69 0.48 23.14 1.23
CA PRO A 69 -0.96 23.41 1.11
C PRO A 69 -1.25 24.87 0.77
N ASP A 70 -2.08 25.09 -0.25
CA ASP A 70 -2.58 26.42 -0.55
C ASP A 70 -4.12 26.39 -0.55
N VAL A 71 -4.74 27.16 0.33
CA VAL A 71 -6.19 27.03 0.51
C VAL A 71 -6.98 27.32 -0.74
N ILE A 72 -6.59 28.36 -1.48
CA ILE A 72 -7.27 28.65 -2.73
C ILE A 72 -7.22 27.39 -3.64
N GLN A 73 -6.03 26.83 -3.85
CA GLN A 73 -5.90 25.71 -4.76
C GLN A 73 -6.78 24.54 -4.33
N GLU A 74 -6.79 24.22 -3.04
CA GLU A 74 -7.59 23.07 -2.62
C GLU A 74 -9.07 23.39 -2.81
N ALA A 75 -9.45 24.65 -2.54
CA ALA A 75 -10.81 25.09 -2.71
C ALA A 75 -11.20 24.95 -4.17
N ASN A 76 -10.29 25.32 -5.05
CA ASN A 76 -10.52 25.09 -6.47
C ASN A 76 -10.83 23.64 -6.74
N ASN A 77 -9.96 22.75 -6.22
CA ASN A 77 -10.13 21.31 -6.41
C ASN A 77 -11.45 20.79 -5.88
N TYR A 78 -11.80 21.21 -4.69
CA TYR A 78 -13.05 20.81 -4.15
C TYR A 78 -14.17 21.16 -5.08
N ILE A 79 -14.27 22.46 -5.46
CA ILE A 79 -15.35 22.92 -6.34
C ILE A 79 -15.35 22.05 -7.60
N ASP A 80 -14.25 22.10 -8.34
CA ASP A 80 -14.10 21.39 -9.61
C ASP A 80 -14.45 19.92 -9.46
N ASN A 81 -13.91 19.28 -8.45
CA ASN A 81 -14.11 17.85 -8.25
C ASN A 81 -15.53 17.51 -7.76
N LEU A 82 -16.20 18.45 -7.15
CA LEU A 82 -17.57 18.21 -6.78
C LEU A 82 -18.48 18.50 -7.97
N VAL A 83 -18.21 19.59 -8.69
CA VAL A 83 -18.94 19.86 -9.91
C VAL A 83 -19.04 18.63 -10.82
N ALA A 84 -17.92 17.93 -11.02
CA ALA A 84 -17.96 16.72 -11.85
C ALA A 84 -18.97 15.75 -11.26
N ALA A 85 -18.86 15.50 -9.96
CA ALA A 85 -19.72 14.52 -9.32
C ALA A 85 -21.20 14.91 -9.58
N ALA A 86 -21.59 16.15 -9.25
CA ALA A 86 -22.96 16.61 -9.52
C ALA A 86 -23.40 16.46 -10.99
N LYS A 87 -22.50 16.73 -11.93
CA LYS A 87 -22.85 16.58 -13.33
C LYS A 87 -23.16 15.12 -13.62
N SER A 88 -22.23 14.24 -13.32
CA SER A 88 -22.43 12.81 -13.48
C SER A 88 -23.81 12.43 -12.94
N LEU A 89 -24.09 12.81 -11.70
CA LEU A 89 -25.29 12.38 -11.01
C LEU A 89 -26.58 12.86 -11.68
N ILE A 90 -26.62 14.12 -12.10
CA ILE A 90 -27.80 14.66 -12.76
C ILE A 90 -27.88 14.25 -14.23
N ASP A 91 -26.82 13.63 -14.75
CA ASP A 91 -26.84 13.02 -16.09
C ASP A 91 -27.51 11.66 -16.09
N LYS A 92 -27.30 10.89 -15.03
CA LYS A 92 -27.82 9.53 -14.95
C LYS A 92 -29.16 9.37 -14.21
N ASP A 93 -29.77 10.48 -13.81
CA ASP A 93 -30.99 10.38 -13.00
C ASP A 93 -32.25 10.44 -13.87
N LYS A 94 -33.38 10.04 -13.31
CA LYS A 94 -34.67 9.99 -14.04
C LYS A 94 -35.28 11.36 -14.41
N LYS A 95 -34.87 12.41 -13.71
CA LYS A 95 -35.51 13.75 -13.83
C LYS A 95 -35.11 14.50 -15.10
N GLY A 96 -35.85 15.57 -15.42
CA GLY A 96 -35.56 16.37 -16.60
C GLY A 96 -34.72 17.54 -16.18
N GLU A 97 -34.79 18.63 -16.93
CA GLU A 97 -34.20 19.89 -16.51
C GLU A 97 -32.69 19.79 -16.46
N LYS A 98 -32.13 18.71 -17.00
CA LYS A 98 -30.71 18.45 -16.84
C LYS A 98 -29.85 19.68 -17.09
N ASP A 99 -29.80 20.16 -18.34
CA ASP A 99 -28.93 21.30 -18.65
C ASP A 99 -29.17 22.53 -17.78
N LEU A 100 -30.43 22.83 -17.46
CA LEU A 100 -30.70 23.94 -16.56
C LEU A 100 -30.02 23.71 -15.19
N ARG A 101 -29.99 22.45 -14.74
CA ARG A 101 -29.42 22.12 -13.43
C ARG A 101 -27.91 22.31 -13.48
N LYS A 102 -27.27 21.68 -14.47
CA LYS A 102 -25.83 21.83 -14.70
C LYS A 102 -25.38 23.28 -14.91
N ASN A 103 -25.84 23.93 -15.96
CA ASN A 103 -25.51 25.34 -16.18
C ASN A 103 -25.61 26.20 -14.92
N ALA A 104 -26.48 25.84 -13.99
CA ALA A 104 -26.59 26.59 -12.73
C ALA A 104 -25.41 26.32 -11.79
N ILE A 105 -25.08 25.05 -11.63
CA ILE A 105 -23.94 24.58 -10.82
C ILE A 105 -22.65 25.30 -11.20
N ASP A 106 -22.41 25.44 -12.50
CA ASP A 106 -21.32 26.25 -13.01
C ASP A 106 -21.40 27.68 -12.47
N GLU A 107 -22.55 28.33 -12.70
CA GLU A 107 -22.71 29.72 -12.32
C GLU A 107 -22.27 29.88 -10.87
N MET A 108 -22.72 28.94 -10.05
CA MET A 108 -22.45 28.93 -8.63
C MET A 108 -20.97 28.70 -8.34
N ALA A 109 -20.39 27.72 -9.03
CA ALA A 109 -18.95 27.47 -8.98
C ALA A 109 -18.10 28.67 -9.37
N LYS A 110 -18.44 29.30 -10.50
CA LYS A 110 -17.76 30.51 -10.98
C LYS A 110 -17.79 31.57 -9.91
N THR A 111 -18.97 31.80 -9.32
CA THR A 111 -19.03 32.88 -8.32
C THR A 111 -18.29 32.50 -7.04
N PHE A 112 -18.36 31.24 -6.61
CA PHE A 112 -17.64 30.87 -5.41
C PHE A 112 -16.13 30.99 -5.52
N LYS A 113 -15.60 30.78 -6.71
CA LYS A 113 -14.16 30.96 -6.95
C LYS A 113 -13.78 32.43 -6.82
N LYS A 114 -14.48 33.28 -7.58
CA LYS A 114 -14.22 34.71 -7.47
C LYS A 114 -14.34 35.21 -6.01
N SER A 115 -15.36 34.77 -5.28
CA SER A 115 -15.52 35.16 -3.88
C SER A 115 -14.26 34.82 -3.08
N ILE A 116 -13.75 33.62 -3.33
CA ILE A 116 -12.60 33.14 -2.62
C ILE A 116 -11.36 33.96 -2.99
N SER A 117 -11.05 34.05 -4.28
CA SER A 117 -9.88 34.75 -4.72
C SER A 117 -9.93 36.19 -4.17
N GLU A 118 -11.13 36.78 -4.15
CA GLU A 118 -11.39 38.15 -3.64
C GLU A 118 -11.28 38.33 -2.13
N THR A 119 -11.62 37.33 -1.34
CA THR A 119 -11.61 37.51 0.10
C THR A 119 -10.34 36.92 0.75
N ILE A 120 -9.62 36.10 0.01
CA ILE A 120 -8.47 35.40 0.57
C ILE A 120 -7.15 35.86 -0.05
N PRO A 121 -6.36 36.63 0.74
CA PRO A 121 -5.04 37.15 0.36
C PRO A 121 -4.09 36.02 -0.03
N SER A 122 -3.80 35.92 -1.32
CA SER A 122 -2.89 34.96 -1.90
C SER A 122 -1.64 34.61 -1.05
N ASP A 123 -1.07 35.58 -0.35
CA ASP A 123 0.16 35.37 0.44
C ASP A 123 -0.09 34.62 1.74
N LYS A 124 -1.26 34.84 2.35
CA LYS A 124 -1.72 34.18 3.59
C LYS A 124 -2.37 32.83 3.30
N ALA A 125 -2.47 32.49 2.02
CA ALA A 125 -3.19 31.28 1.60
C ALA A 125 -2.37 30.04 1.80
N LYS A 126 -1.07 30.20 2.05
CA LYS A 126 -0.15 29.05 2.02
C LYS A 126 0.40 28.67 3.37
N ALA A 127 0.73 27.40 3.54
CA ALA A 127 1.25 26.92 4.81
C ALA A 127 2.72 26.60 4.69
N ASP A 128 3.47 26.70 5.78
CA ASP A 128 4.74 26.03 5.80
C ASP A 128 4.59 24.80 6.69
N LEU A 129 4.84 23.65 6.09
CA LEU A 129 4.80 22.38 6.75
C LEU A 129 5.96 22.21 7.70
N PHE A 130 7.01 22.99 7.50
CA PHE A 130 8.25 22.68 8.19
C PHE A 130 8.58 23.62 9.30
N SER A 131 7.77 24.65 9.46
CA SER A 131 7.80 25.48 10.67
C SER A 131 6.79 24.90 11.65
N SER A 132 6.37 25.73 12.58
CA SER A 132 5.49 25.35 13.65
C SER A 132 4.09 25.81 13.30
N LYS A 133 3.07 25.05 13.67
CA LYS A 133 1.71 25.47 13.38
C LYS A 133 1.31 26.69 14.17
N LYS A 134 2.03 27.02 15.24
CA LYS A 134 1.60 28.17 16.08
C LYS A 134 2.40 29.47 15.76
N SER A 135 2.97 29.49 14.56
CA SER A 135 3.75 30.62 14.09
C SER A 135 2.81 31.60 13.44
N SER A 136 3.22 32.85 13.28
CA SER A 136 2.27 33.85 12.78
C SER A 136 1.79 33.50 11.36
N ALA A 137 2.66 32.87 10.57
CA ALA A 137 2.35 32.60 9.17
C ALA A 137 1.35 31.44 9.06
N ASN A 138 1.62 30.33 9.77
CA ASN A 138 0.67 29.23 9.76
C ASN A 138 -0.65 29.59 10.45
N LYS A 139 -0.60 30.48 11.45
CA LYS A 139 -1.82 30.97 12.14
C LYS A 139 -2.69 31.79 11.19
N ASP A 140 -2.05 32.57 10.31
CA ASP A 140 -2.76 33.28 9.24
C ASP A 140 -3.34 32.26 8.24
N PHE A 141 -2.57 31.22 7.92
CA PHE A 141 -3.06 30.15 7.08
C PHE A 141 -4.33 29.48 7.69
N LEU A 142 -4.28 29.06 8.95
CA LEU A 142 -5.50 28.50 9.61
C LEU A 142 -6.69 29.46 9.54
N GLU A 143 -6.45 30.76 9.75
CA GLU A 143 -7.52 31.78 9.66
C GLU A 143 -8.26 31.79 8.33
N GLN A 144 -7.51 31.74 7.24
CA GLN A 144 -8.09 31.69 5.90
C GLN A 144 -8.77 30.36 5.68
N LEU A 145 -8.19 29.30 6.20
CA LEU A 145 -8.75 27.99 6.00
C LEU A 145 -10.15 27.91 6.59
N ALA A 146 -10.32 28.39 7.82
CA ALA A 146 -11.61 28.39 8.47
C ALA A 146 -12.62 29.15 7.62
N LYS A 147 -12.26 30.38 7.24
CA LYS A 147 -13.06 31.17 6.33
C LYS A 147 -13.46 30.33 5.12
N VAL A 148 -12.49 29.75 4.44
CA VAL A 148 -12.77 29.00 3.24
C VAL A 148 -13.62 27.76 3.49
N GLU A 149 -13.39 27.08 4.61
CA GLU A 149 -14.19 25.92 4.97
C GLU A 149 -15.69 26.29 4.95
N GLY A 150 -16.02 27.39 5.63
CA GLY A 150 -17.37 27.85 5.69
C GLY A 150 -17.99 28.09 4.32
N SER A 151 -17.18 28.46 3.33
CA SER A 151 -17.79 28.77 2.04
C SER A 151 -18.06 27.53 1.26
N LEU A 152 -17.12 26.58 1.33
CA LEU A 152 -17.31 25.30 0.70
C LEU A 152 -18.53 24.60 1.33
N GLN A 153 -18.76 24.88 2.61
CA GLN A 153 -20.00 24.43 3.24
C GLN A 153 -21.18 25.00 2.53
N GLN A 154 -21.25 26.32 2.43
CA GLN A 154 -22.33 26.97 1.70
C GLN A 154 -22.33 26.45 0.25
N PHE A 155 -21.15 26.42 -0.38
CA PHE A 155 -21.09 25.93 -1.77
C PHE A 155 -21.79 24.59 -1.95
N THR A 156 -21.40 23.61 -1.14
CA THR A 156 -21.97 22.27 -1.25
C THR A 156 -23.47 22.26 -0.87
N GLN A 157 -23.83 22.84 0.27
CA GLN A 157 -25.22 22.93 0.66
C GLN A 157 -26.04 23.31 -0.61
N ALA A 158 -25.49 24.22 -1.41
CA ALA A 158 -26.21 24.79 -2.54
C ALA A 158 -26.19 23.88 -3.75
N VAL A 159 -25.14 23.11 -3.89
CA VAL A 159 -25.04 22.24 -5.02
C VAL A 159 -26.01 21.11 -4.80
N ALA A 160 -26.07 20.58 -3.57
CA ALA A 160 -27.09 19.60 -3.19
C ALA A 160 -28.48 20.04 -3.60
N LYS A 161 -28.77 21.31 -3.40
CA LYS A 161 -30.10 21.77 -3.57
C LYS A 161 -30.42 21.97 -5.03
N ALA A 162 -29.43 22.35 -5.83
CA ALA A 162 -29.65 22.63 -7.25
C ALA A 162 -29.79 21.34 -8.00
N SER A 163 -28.95 20.38 -7.61
CA SER A 163 -28.77 19.12 -8.33
C SER A 163 -29.95 18.24 -8.00
N GLY A 164 -30.57 18.51 -6.86
CA GLY A 164 -31.59 17.65 -6.31
C GLY A 164 -31.05 16.36 -5.72
N HIS A 165 -29.80 16.34 -5.28
CA HIS A 165 -29.23 15.14 -4.66
C HIS A 165 -28.70 15.38 -3.31
N LYS A 166 -28.78 14.38 -2.43
CA LYS A 166 -28.24 14.57 -1.10
C LYS A 166 -26.72 14.58 -1.15
N LEU A 167 -26.10 15.15 -0.13
CA LEU A 167 -24.65 15.16 0.04
C LEU A 167 -24.07 13.74 -0.06
N LYS A 168 -24.72 12.81 0.65
CA LYS A 168 -24.32 11.42 0.78
C LYS A 168 -24.17 10.77 -0.59
N ALA A 169 -25.19 10.94 -1.44
CA ALA A 169 -25.10 10.55 -2.85
C ALA A 169 -23.92 11.25 -3.53
N LEU A 170 -23.84 12.57 -3.41
CA LEU A 170 -22.75 13.32 -4.04
C LEU A 170 -21.32 12.86 -3.71
N ASP A 171 -21.11 12.53 -2.43
CA ASP A 171 -19.85 11.97 -2.00
C ASP A 171 -19.73 10.61 -2.67
N LYS A 172 -20.72 9.73 -2.47
CA LYS A 172 -20.72 8.41 -3.10
C LYS A 172 -20.32 8.43 -4.59
N GLU A 173 -20.83 9.39 -5.32
CA GLU A 173 -20.60 9.42 -6.74
C GLU A 173 -19.18 9.88 -7.04
N GLY A 174 -18.63 10.74 -6.19
CA GLY A 174 -17.26 11.21 -6.45
C GLY A 174 -16.32 10.00 -6.45
N HIS A 175 -16.58 9.11 -5.50
CA HIS A 175 -15.77 7.90 -5.33
C HIS A 175 -15.93 6.97 -6.50
N ASN A 176 -17.13 6.93 -7.08
CA ASN A 176 -17.40 6.13 -8.28
C ASN A 176 -16.62 6.51 -9.49
N ILE A 177 -16.72 7.77 -9.84
CA ILE A 177 -16.17 8.23 -11.08
C ILE A 177 -14.68 8.45 -10.93
N ARG A 178 -14.27 8.70 -9.70
CA ARG A 178 -12.88 9.02 -9.47
C ARG A 178 -12.04 7.79 -9.61
N SER A 179 -12.64 6.65 -9.23
CA SER A 179 -11.97 5.36 -9.33
C SER A 179 -12.19 4.65 -10.66
N HIS A 180 -11.92 5.34 -11.76
CA HIS A 180 -12.04 4.71 -13.05
C HIS A 180 -10.81 4.89 -13.86
N ASN A 181 -10.36 6.12 -13.95
CA ASN A 181 -9.16 6.37 -14.72
C ASN A 181 -8.17 7.01 -13.81
N ARG A 182 -7.58 6.20 -12.92
CA ARG A 182 -6.60 6.76 -12.00
C ARG A 182 -5.28 7.00 -12.75
N ASP A 183 -4.69 8.16 -12.50
CA ASP A 183 -3.50 8.58 -13.18
C ASP A 183 -2.27 8.07 -12.42
N THR A 184 -1.19 7.87 -13.13
CA THR A 184 0.03 7.52 -12.46
C THR A 184 0.60 8.73 -11.72
N LEU A 185 1.13 8.54 -10.52
CA LEU A 185 1.56 9.71 -9.82
C LEU A 185 3.06 9.64 -9.56
N ILE A 186 3.76 10.73 -9.88
CA ILE A 186 5.21 10.69 -9.90
C ILE A 186 5.77 11.91 -9.20
N HIS A 187 6.84 11.70 -8.44
CA HIS A 187 7.52 12.83 -7.84
C HIS A 187 9.00 12.64 -7.96
N ARG A 188 9.66 13.63 -8.59
CA ARG A 188 11.10 13.60 -8.85
C ARG A 188 11.80 14.70 -8.04
N PHE A 189 13.01 14.42 -7.59
CA PHE A 189 13.72 15.38 -6.78
C PHE A 189 15.11 14.84 -6.51
N LYS A 190 16.08 15.72 -6.28
CA LYS A 190 17.41 15.23 -5.91
C LYS A 190 17.44 14.92 -4.40
N ALA A 191 17.61 13.66 -4.07
CA ALA A 191 17.89 13.28 -2.70
C ALA A 191 19.18 13.95 -2.25
N PRO A 192 19.34 14.12 -0.93
CA PRO A 192 20.62 14.55 -0.42
C PRO A 192 21.71 13.64 -0.97
N ASN A 193 22.87 14.21 -1.32
CA ASN A 193 24.02 13.43 -1.85
C ASN A 193 23.77 12.75 -3.18
N SER A 194 22.85 13.30 -3.97
CA SER A 194 22.53 12.72 -5.26
C SER A 194 23.68 13.04 -6.19
N LYS A 195 24.27 12.01 -6.76
CA LYS A 195 25.46 12.18 -7.60
C LYS A 195 25.24 13.14 -8.79
N GLU A 196 26.32 13.60 -9.44
CA GLU A 196 26.21 14.65 -10.47
C GLU A 196 25.26 14.32 -11.63
N GLY A 197 24.26 15.17 -11.80
CA GLY A 197 23.24 14.98 -12.84
C GLY A 197 22.42 13.70 -12.76
N GLU A 198 22.18 13.22 -11.54
CA GLU A 198 21.21 12.13 -11.26
C GLU A 198 20.01 12.71 -10.51
N GLU A 199 18.86 12.05 -10.57
CA GLU A 199 17.73 12.38 -9.68
C GLU A 199 17.04 11.15 -9.09
N GLN A 200 16.43 11.32 -7.93
CA GLN A 200 15.60 10.28 -7.32
C GLN A 200 14.15 10.46 -7.73
N PHE A 201 13.35 9.42 -7.54
CA PHE A 201 11.95 9.53 -7.91
C PHE A 201 11.11 8.57 -7.10
N ILE A 202 9.85 8.95 -6.87
CA ILE A 202 8.85 8.05 -6.31
C ILE A 202 7.60 8.11 -7.14
N MET A 203 7.00 6.94 -7.39
CA MET A 203 5.78 6.90 -8.15
C MET A 203 4.79 5.89 -7.63
N TYR A 204 3.53 6.21 -7.80
CA TYR A 204 2.47 5.30 -7.46
C TYR A 204 1.79 4.98 -8.77
N ILE A 205 1.82 3.71 -9.15
CA ILE A 205 1.11 3.25 -10.32
C ILE A 205 -0.14 2.47 -9.96
N PRO A 206 -1.27 2.89 -10.50
CA PRO A 206 -2.54 2.22 -10.23
C PRO A 206 -2.48 0.75 -10.66
N CYS A 207 -3.14 -0.17 -9.97
CA CYS A 207 -2.94 -1.55 -10.39
C CYS A 207 -4.06 -2.53 -10.24
N GLY A 208 -5.25 -2.09 -9.88
CA GLY A 208 -6.36 -3.06 -9.80
C GLY A 208 -6.74 -3.71 -11.13
N ARG A 209 -6.91 -5.02 -11.14
CA ARG A 209 -7.66 -5.64 -12.24
C ARG A 209 -8.60 -6.73 -11.68
N TYR A 210 -9.83 -6.84 -12.16
CA TYR A 210 -10.76 -7.85 -11.58
C TYR A 210 -10.32 -9.23 -11.95
N THR A 211 -10.70 -10.21 -11.13
CA THR A 211 -10.51 -11.62 -11.45
C THR A 211 -11.70 -12.11 -12.23
N LYS A 212 -11.60 -13.31 -12.79
CA LYS A 212 -12.73 -13.86 -13.54
C LYS A 212 -13.98 -13.96 -12.66
N ARG A 213 -13.80 -14.44 -11.44
CA ARG A 213 -14.90 -14.65 -10.56
C ARG A 213 -15.56 -13.30 -10.29
N GLN A 214 -14.75 -12.32 -9.91
CA GLN A 214 -15.24 -10.97 -9.68
C GLN A 214 -16.01 -10.46 -10.86
N GLN A 215 -15.51 -10.74 -12.07
CA GLN A 215 -16.14 -10.22 -13.27
C GLN A 215 -17.58 -10.76 -13.38
N ARG A 216 -17.69 -12.09 -13.33
CA ARG A 216 -18.96 -12.81 -13.41
C ARG A 216 -19.94 -12.30 -12.40
N LEU A 217 -19.45 -12.00 -11.21
CA LEU A 217 -20.37 -11.57 -10.17
C LEU A 217 -20.82 -10.13 -10.30
N MET A 218 -19.96 -9.18 -10.70
CA MET A 218 -20.45 -7.81 -10.94
C MET A 218 -21.49 -7.87 -12.10
N GLY A 219 -21.74 -9.09 -12.60
CA GLY A 219 -22.70 -9.30 -13.66
C GLY A 219 -22.25 -8.83 -15.02
N LYS A 220 -20.93 -8.62 -15.18
CA LYS A 220 -20.36 -8.16 -16.46
C LYS A 220 -19.84 -9.36 -17.27
N ASP A 221 -19.30 -9.08 -18.45
CA ASP A 221 -18.99 -10.14 -19.44
C ASP A 221 -17.64 -10.88 -19.20
N GLU A 222 -17.73 -12.21 -19.16
CA GLU A 222 -16.60 -13.10 -18.81
C GLU A 222 -15.39 -13.05 -19.73
N SER A 223 -15.66 -13.03 -21.04
CA SER A 223 -14.59 -13.10 -22.04
C SER A 223 -13.83 -11.78 -22.25
N GLU A 224 -13.91 -10.86 -21.29
CA GLU A 224 -13.15 -9.63 -21.38
C GLU A 224 -11.76 -9.74 -20.73
N VAL A 225 -10.73 -9.51 -21.54
CA VAL A 225 -9.34 -9.45 -21.01
C VAL A 225 -9.07 -8.14 -20.23
N ASN A 226 -9.69 -7.04 -20.64
CA ASN A 226 -9.47 -5.78 -19.93
C ASN A 226 -10.48 -5.59 -18.81
N ARG A 227 -10.01 -5.75 -17.57
CA ARG A 227 -10.87 -5.73 -16.39
C ARG A 227 -10.38 -4.74 -15.32
N ASP A 228 -10.24 -3.49 -15.76
CA ASP A 228 -9.77 -2.35 -14.99
C ASP A 228 -10.68 -1.83 -13.89
N HIS A 229 -10.06 -1.35 -12.82
CA HIS A 229 -10.78 -0.63 -11.76
C HIS A 229 -9.78 0.00 -10.85
N ASP A 230 -10.18 1.11 -10.25
CA ASP A 230 -9.29 1.81 -9.34
C ASP A 230 -9.95 2.05 -7.96
N THR A 231 -10.80 1.11 -7.55
CA THR A 231 -11.69 1.32 -6.40
C THR A 231 -11.06 2.19 -5.30
N THR A 232 -11.74 3.30 -4.97
CA THR A 232 -11.23 4.30 -4.02
C THR A 232 -11.39 3.91 -2.54
N SER A 233 -10.64 4.62 -1.69
CA SER A 233 -10.65 4.52 -0.23
C SER A 233 -12.02 4.34 0.42
N HIS A 234 -13.03 4.93 -0.19
CA HIS A 234 -14.37 4.91 0.37
C HIS A 234 -15.43 4.28 -0.47
N LYS A 235 -15.04 3.59 -1.52
CA LYS A 235 -16.02 2.85 -2.31
C LYS A 235 -16.25 1.46 -1.72
N ARG A 236 -16.86 1.40 -0.55
CA ARG A 236 -17.16 0.12 0.11
C ARG A 236 -18.59 0.09 0.65
N SER A 237 -19.58 0.04 -0.23
CA SER A 237 -20.95 0.30 0.18
C SER A 237 -21.95 -0.86 0.19
N ASP A 238 -22.14 -1.51 -0.94
CA ASP A 238 -23.17 -2.54 -1.02
C ASP A 238 -22.62 -3.82 -1.60
N LEU A 239 -21.80 -4.49 -0.82
CA LEU A 239 -21.21 -5.72 -1.25
C LEU A 239 -20.49 -5.49 -2.57
N VAL A 240 -19.83 -4.35 -2.69
CA VAL A 240 -19.02 -4.08 -3.86
C VAL A 240 -17.82 -5.01 -3.93
N LEU A 241 -17.43 -5.39 -5.14
CA LEU A 241 -16.20 -6.17 -5.29
C LEU A 241 -14.95 -5.38 -5.68
N GLY A 242 -13.80 -5.85 -5.20
CA GLY A 242 -12.53 -5.29 -5.61
C GLY A 242 -11.82 -4.46 -4.56
N ASN A 243 -10.49 -4.49 -4.64
CA ASN A 243 -9.61 -3.78 -3.75
C ASN A 243 -9.55 -2.25 -3.92
N SER A 244 -9.40 -1.59 -2.79
CA SER A 244 -9.51 -0.17 -2.73
C SER A 244 -8.12 0.41 -2.55
N SER A 245 -7.92 1.60 -3.09
CA SER A 245 -6.76 2.41 -2.77
C SER A 245 -5.45 1.62 -2.88
N MET A 246 -5.24 0.98 -4.04
CA MET A 246 -4.09 0.09 -4.21
C MET A 246 -3.18 0.49 -5.35
N ALA A 247 -1.91 0.75 -5.04
CA ALA A 247 -0.98 1.22 -6.02
C ALA A 247 0.33 0.49 -5.95
N ARG A 248 0.97 0.34 -7.09
CA ARG A 248 2.29 -0.13 -7.10
C ARG A 248 3.17 1.06 -6.68
N MET A 249 4.08 0.87 -5.76
CA MET A 249 4.95 1.92 -5.29
C MET A 249 6.40 1.63 -5.71
N ILE A 250 7.01 2.56 -6.43
CA ILE A 250 8.33 2.36 -6.99
C ILE A 250 9.17 3.60 -6.71
N ALA A 251 10.42 3.36 -6.38
CA ALA A 251 11.34 4.41 -6.01
C ALA A 251 12.68 3.99 -6.52
N GLY A 252 13.38 4.93 -7.14
CA GLY A 252 14.70 4.65 -7.65
C GLY A 252 15.46 5.91 -7.94
N THR A 253 16.47 5.80 -8.80
CA THR A 253 17.23 6.94 -9.23
C THR A 253 17.26 6.90 -10.74
N ARG A 254 17.23 8.07 -11.36
CA ARG A 254 17.37 8.19 -12.79
C ARG A 254 18.78 8.61 -13.04
N HIS A 255 19.52 7.89 -13.88
CA HIS A 255 20.90 8.23 -14.17
C HIS A 255 20.99 9.26 -15.24
N SER A 256 22.19 9.77 -15.52
CA SER A 256 22.29 10.88 -16.46
C SER A 256 21.88 10.49 -17.90
N ASP A 257 22.10 9.24 -18.27
CA ASP A 257 21.69 8.70 -19.57
C ASP A 257 20.20 8.31 -19.63
N GLY A 258 19.40 8.78 -18.68
CA GLY A 258 17.98 8.39 -18.62
C GLY A 258 17.63 6.97 -18.16
N THR A 259 18.60 6.15 -17.83
CA THR A 259 18.27 4.79 -17.35
C THR A 259 17.95 4.88 -15.90
N VAL A 260 17.64 3.74 -15.30
CA VAL A 260 16.97 3.73 -14.01
C VAL A 260 17.44 2.58 -13.15
N THR A 261 17.89 2.87 -11.93
CA THR A 261 17.96 1.84 -10.90
C THR A 261 16.74 1.98 -9.96
N ILE A 262 16.12 0.85 -9.64
CA ILE A 262 14.90 0.77 -8.86
C ILE A 262 15.28 0.25 -7.49
N HIS A 263 15.06 1.05 -6.45
CA HIS A 263 15.53 0.76 -5.11
C HIS A 263 14.46 0.16 -4.30
N HIS A 264 13.21 0.45 -4.67
CA HIS A 264 12.10 -0.06 -3.90
C HIS A 264 10.97 -0.37 -4.78
N ASP A 265 10.28 -1.47 -4.51
CA ASP A 265 9.18 -1.93 -5.34
C ASP A 265 8.23 -2.76 -4.50
N SER A 266 7.08 -2.19 -4.17
CA SER A 266 6.07 -2.89 -3.34
C SER A 266 4.69 -2.31 -3.57
N PHE A 267 3.72 -2.65 -2.71
CA PHE A 267 2.37 -2.09 -2.85
C PHE A 267 1.99 -1.10 -1.75
N SER A 268 1.37 -0.01 -2.17
CA SER A 268 0.67 0.87 -1.26
C SER A 268 -0.77 0.40 -1.30
N GLY A 269 -1.24 -0.18 -0.19
CA GLY A 269 -2.56 -0.73 -0.10
C GLY A 269 -2.58 -2.24 -0.06
N PRO A 270 -3.75 -2.82 -0.26
CA PRO A 270 -4.99 -2.06 -0.41
C PRO A 270 -5.49 -1.56 0.96
N GLY A 271 -6.53 -0.74 1.01
CA GLY A 271 -7.17 -0.45 2.29
C GLY A 271 -7.95 -1.70 2.67
N ALA A 272 -8.86 -1.59 3.64
CA ALA A 272 -9.80 -2.67 4.01
C ALA A 272 -10.21 -3.54 2.85
N ARG A 273 -9.89 -4.84 2.93
CA ARG A 273 -10.29 -5.78 1.90
C ARG A 273 -11.78 -6.05 1.84
N MET A 274 -12.54 -5.63 2.84
CA MET A 274 -13.99 -5.84 2.80
C MET A 274 -14.75 -4.54 2.75
N PRO A 275 -15.99 -4.58 2.28
CA PRO A 275 -16.81 -3.37 2.23
C PRO A 275 -17.37 -3.00 3.60
N TYR A 276 -16.50 -2.48 4.46
CA TYR A 276 -16.83 -2.27 5.88
C TYR A 276 -18.15 -1.56 6.16
N SER A 277 -18.65 -0.77 5.23
CA SER A 277 -19.89 -0.01 5.47
C SER A 277 -21.03 -0.92 5.88
N ASP A 278 -21.00 -2.16 5.42
CA ASP A 278 -22.15 -3.03 5.51
C ASP A 278 -22.29 -3.77 6.83
N PHE A 279 -21.45 -3.44 7.79
CA PHE A 279 -21.62 -3.98 9.12
C PHE A 279 -22.83 -3.38 9.84
N LYS A 280 -23.12 -2.11 9.56
CA LYS A 280 -24.19 -1.38 10.24
C LYS A 280 -25.46 -2.23 10.41
N GLY A 281 -25.75 -2.59 11.67
CA GLY A 281 -26.85 -3.51 12.02
C GLY A 281 -27.03 -4.74 11.13
N ALA A 282 -25.92 -5.36 10.76
CA ALA A 282 -25.98 -6.52 9.92
C ALA A 282 -26.19 -7.78 10.75
N ASP A 283 -27.06 -8.67 10.28
CA ASP A 283 -27.27 -9.99 10.90
C ASP A 283 -26.07 -10.89 10.66
N ASP A 284 -26.11 -12.12 11.17
CA ASP A 284 -25.00 -13.06 10.97
C ASP A 284 -24.95 -13.54 9.52
N TYR A 285 -26.10 -13.49 8.87
CA TYR A 285 -26.21 -13.83 7.46
C TYR A 285 -25.42 -12.84 6.62
N LYS A 286 -25.58 -11.55 6.90
CA LYS A 286 -24.87 -10.51 6.16
C LYS A 286 -23.39 -10.43 6.53
N LYS A 287 -23.05 -10.73 7.79
CA LYS A 287 -21.63 -10.78 8.15
C LYS A 287 -20.94 -11.87 7.32
N LEU A 288 -21.52 -13.06 7.28
CA LEU A 288 -20.89 -14.10 6.48
C LEU A 288 -20.64 -13.65 5.04
N ALA A 289 -21.55 -12.85 4.49
CA ALA A 289 -21.38 -12.39 3.11
C ALA A 289 -20.14 -11.47 2.98
N ILE A 290 -20.05 -10.49 3.87
CA ILE A 290 -18.83 -9.70 4.02
C ILE A 290 -17.60 -10.61 4.04
N LYS A 291 -17.62 -11.68 4.83
CA LYS A 291 -16.51 -12.62 4.85
C LYS A 291 -16.21 -13.14 3.46
N ALA A 292 -17.23 -13.67 2.79
CA ALA A 292 -17.07 -14.13 1.41
C ALA A 292 -16.41 -13.04 0.52
N VAL A 293 -16.88 -11.80 0.65
CA VAL A 293 -16.31 -10.77 -0.17
C VAL A 293 -14.80 -10.62 0.10
N THR A 294 -14.42 -10.54 1.36
CA THR A 294 -13.02 -10.40 1.65
C THR A 294 -12.25 -11.59 1.11
N LEU A 295 -12.82 -12.79 1.16
CA LEU A 295 -12.21 -13.92 0.44
C LEU A 295 -12.07 -13.66 -1.08
N ILE A 296 -13.16 -13.26 -1.72
CA ILE A 296 -13.16 -12.92 -3.13
C ILE A 296 -12.12 -11.85 -3.47
N ASN A 297 -11.91 -10.87 -2.58
CA ASN A 297 -10.83 -9.88 -2.85
C ASN A 297 -9.41 -10.41 -2.61
N GLN A 298 -9.25 -11.28 -1.62
CA GLN A 298 -7.99 -11.94 -1.43
C GLN A 298 -7.55 -12.65 -2.70
N GLU A 299 -8.48 -13.29 -3.39
CA GLU A 299 -8.07 -13.95 -4.61
C GLU A 299 -7.63 -12.90 -5.69
N GLU A 300 -8.20 -11.70 -5.68
CA GLU A 300 -7.68 -10.64 -6.56
C GLU A 300 -6.29 -10.21 -6.15
N VAL A 301 -6.03 -10.15 -4.85
CA VAL A 301 -4.70 -9.83 -4.40
C VAL A 301 -3.74 -10.87 -4.99
N ILE A 302 -4.07 -12.14 -4.83
CA ILE A 302 -3.20 -13.16 -5.44
C ILE A 302 -2.93 -12.88 -6.93
N GLN A 303 -3.99 -12.50 -7.65
CA GLN A 303 -3.79 -12.21 -9.07
C GLN A 303 -2.81 -11.07 -9.23
N THR A 304 -2.98 -10.01 -8.45
CA THR A 304 -2.14 -8.83 -8.60
C THR A 304 -0.67 -9.13 -8.28
N LEU A 305 -0.40 -9.84 -7.21
CA LEU A 305 0.97 -10.17 -6.95
C LEU A 305 1.60 -10.97 -8.09
N ALA A 306 0.80 -11.81 -8.76
CA ALA A 306 1.38 -12.66 -9.83
C ALA A 306 1.66 -11.86 -11.09
N GLN A 307 0.80 -10.90 -11.42
CA GLN A 307 1.09 -9.95 -12.48
C GLN A 307 2.40 -9.24 -12.19
N ARG A 308 2.60 -8.82 -10.95
CA ARG A 308 3.83 -8.10 -10.54
C ARG A 308 5.11 -8.94 -10.70
N GLN A 309 5.02 -10.23 -10.41
CA GLN A 309 6.17 -11.06 -10.61
C GLN A 309 6.54 -11.09 -12.08
N ILE A 310 5.55 -11.37 -12.90
CA ILE A 310 5.75 -11.40 -14.34
C ILE A 310 6.43 -10.13 -14.81
N ASP A 311 6.05 -8.99 -14.30
CA ASP A 311 6.60 -7.80 -14.90
C ASP A 311 7.86 -7.34 -14.26
N ARG A 312 8.25 -7.99 -13.19
CA ARG A 312 9.58 -7.78 -12.67
C ARG A 312 10.57 -8.60 -13.46
N MET A 313 10.13 -9.25 -14.52
CA MET A 313 11.04 -10.12 -15.27
C MET A 313 11.31 -9.56 -16.66
N THR A 314 12.58 -9.49 -17.03
CA THR A 314 12.96 -8.97 -18.34
C THR A 314 12.71 -10.05 -19.38
N ASN A 315 12.74 -9.72 -20.67
CA ASN A 315 12.53 -10.76 -21.69
C ASN A 315 13.61 -11.84 -21.66
N GLU A 316 14.85 -11.48 -21.36
CA GLU A 316 15.86 -12.51 -21.11
C GLU A 316 15.45 -13.40 -19.92
N ASP A 317 14.96 -12.80 -18.83
CA ASP A 317 14.57 -13.58 -17.66
C ASP A 317 13.62 -14.67 -18.10
N LEU A 318 12.58 -14.26 -18.81
CA LEU A 318 11.52 -15.14 -19.28
C LEU A 318 12.06 -16.25 -20.20
N TRP A 319 12.79 -15.87 -21.22
CA TRP A 319 13.45 -16.79 -22.10
C TRP A 319 14.29 -17.83 -21.37
N ASN A 320 15.02 -17.40 -20.33
CA ASN A 320 15.86 -18.31 -19.55
C ASN A 320 15.09 -19.37 -18.80
N LYS A 321 13.83 -19.08 -18.51
CA LYS A 321 12.96 -20.05 -17.91
C LYS A 321 12.07 -20.84 -18.86
N ILE A 322 12.21 -20.69 -20.17
CA ILE A 322 11.48 -21.57 -21.09
C ILE A 322 12.39 -22.74 -21.55
N PRO A 323 12.15 -23.96 -21.01
CA PRO A 323 13.11 -25.02 -21.33
C PRO A 323 13.37 -25.09 -22.82
N GLU A 324 14.66 -25.21 -23.14
CA GLU A 324 15.18 -25.19 -24.50
C GLU A 324 14.21 -25.75 -25.54
N GLU A 325 13.78 -26.99 -25.36
CA GLU A 325 12.93 -27.67 -26.34
C GLU A 325 11.50 -27.14 -26.57
N TYR A 326 11.02 -26.14 -25.83
CA TYR A 326 9.72 -25.51 -26.20
C TYR A 326 9.83 -24.08 -26.71
N ARG A 327 11.05 -23.62 -26.95
CA ARG A 327 11.26 -22.27 -27.44
C ARG A 327 10.98 -22.27 -28.94
N PRO A 328 10.25 -21.25 -29.43
CA PRO A 328 9.91 -21.22 -30.84
C PRO A 328 11.15 -20.91 -31.66
N ASP A 329 11.12 -21.34 -32.92
CA ASP A 329 12.22 -21.15 -33.85
C ASP A 329 12.73 -19.71 -33.86
N GLU A 330 11.82 -18.76 -34.00
CA GLU A 330 12.18 -17.35 -33.97
C GLU A 330 11.07 -16.57 -33.30
N LEU A 331 11.43 -15.48 -32.65
CA LEU A 331 10.45 -14.59 -32.05
C LEU A 331 9.69 -13.71 -33.08
N PRO A 332 8.48 -13.25 -32.72
CA PRO A 332 7.77 -12.33 -33.61
C PRO A 332 8.45 -10.95 -33.68
N PRO A 333 8.36 -10.26 -34.86
CA PRO A 333 8.97 -8.93 -35.11
C PRO A 333 8.57 -7.83 -34.12
N ASP A 334 7.37 -7.93 -33.60
CA ASP A 334 6.73 -6.92 -32.74
C ASP A 334 7.14 -7.07 -31.27
N ALA A 335 7.74 -6.01 -30.71
CA ALA A 335 8.20 -5.99 -29.32
C ALA A 335 7.15 -6.53 -28.37
N GLU A 336 5.93 -6.00 -28.54
CA GLU A 336 4.78 -6.41 -27.74
C GLU A 336 4.39 -7.89 -27.96
N LYS A 337 4.16 -8.31 -29.21
CA LYS A 337 3.61 -9.64 -29.41
C LYS A 337 4.63 -10.74 -29.06
N ALA A 338 5.90 -10.35 -29.05
CA ALA A 338 6.97 -11.26 -28.62
C ALA A 338 6.91 -11.48 -27.11
N ARG A 339 6.86 -10.38 -26.35
CA ARG A 339 6.76 -10.50 -24.91
C ARG A 339 5.54 -11.34 -24.58
N ALA A 340 4.43 -11.08 -25.27
CA ALA A 340 3.22 -11.88 -25.08
C ALA A 340 3.53 -13.36 -25.18
N GLN A 341 4.11 -13.77 -26.29
CA GLN A 341 4.39 -15.16 -26.43
C GLN A 341 5.32 -15.64 -25.31
N LEU A 342 6.32 -14.82 -24.96
CA LEU A 342 7.27 -15.20 -23.92
C LEU A 342 6.66 -15.42 -22.56
N ILE A 343 5.71 -14.58 -22.16
CA ILE A 343 5.00 -14.80 -20.91
C ILE A 343 4.14 -16.05 -21.02
N LYS A 344 3.35 -16.17 -22.09
CA LYS A 344 2.55 -17.40 -22.26
C LYS A 344 3.38 -18.70 -22.07
N LEU A 345 4.52 -18.77 -22.72
CA LEU A 345 5.32 -19.94 -22.59
C LEU A 345 5.93 -19.98 -21.22
N TYR A 346 6.30 -18.84 -20.67
CA TYR A 346 6.88 -18.83 -19.33
C TYR A 346 5.93 -19.48 -18.36
N VAL A 347 4.68 -19.00 -18.37
CA VAL A 347 3.65 -19.50 -17.49
C VAL A 347 3.31 -20.97 -17.73
N GLU A 348 3.19 -21.35 -18.98
CA GLU A 348 2.73 -22.68 -19.28
C GLU A 348 3.62 -23.71 -18.61
N HIS A 349 4.93 -23.46 -18.61
CA HIS A 349 5.91 -24.44 -18.14
C HIS A 349 6.54 -24.09 -16.79
N ASN A 350 5.87 -23.31 -15.95
CA ASN A 350 6.51 -22.91 -14.72
C ASN A 350 5.53 -22.74 -13.59
N PRO A 351 5.65 -23.58 -12.54
CA PRO A 351 4.81 -23.44 -11.35
C PRO A 351 5.09 -22.08 -10.78
N LEU A 352 4.05 -21.29 -10.53
CA LEU A 352 4.22 -19.94 -10.01
C LEU A 352 3.76 -19.83 -8.62
N SER A 353 4.42 -19.00 -7.83
CA SER A 353 3.96 -18.77 -6.45
C SER A 353 4.43 -17.47 -5.95
N VAL A 354 3.73 -17.03 -4.93
CA VAL A 354 3.72 -15.67 -4.54
C VAL A 354 3.64 -15.59 -3.04
N THR A 355 4.31 -14.59 -2.47
CA THR A 355 4.28 -14.35 -1.03
C THR A 355 3.87 -12.95 -0.64
N GLU A 356 2.71 -12.84 -0.04
CA GLU A 356 2.27 -11.57 0.50
C GLU A 356 2.68 -11.35 1.94
N CYS A 357 3.37 -10.26 2.17
CA CYS A 357 3.55 -9.76 3.53
C CYS A 357 2.72 -8.48 3.76
N TYR A 358 1.62 -8.67 4.47
CA TYR A 358 0.72 -7.59 4.81
C TYR A 358 1.10 -7.04 6.17
N THR A 359 1.63 -5.82 6.16
CA THR A 359 1.84 -5.07 7.39
C THR A 359 0.69 -4.12 7.58
N GLN A 360 -0.33 -4.61 8.28
CA GLN A 360 -1.47 -3.80 8.73
C GLN A 360 -1.12 -2.83 9.85
N VAL A 361 -1.88 -1.74 9.90
CA VAL A 361 -1.53 -0.63 10.76
C VAL A 361 -2.72 -0.03 11.56
N VAL A 362 -3.88 -0.59 11.33
CA VAL A 362 -5.09 -0.35 12.06
C VAL A 362 -4.90 -0.75 13.56
N THR A 363 -5.70 -0.26 14.52
CA THR A 363 -5.62 -0.90 15.84
C THR A 363 -6.80 -1.81 16.10
N ALA A 364 -6.56 -3.09 15.89
CA ALA A 364 -7.61 -4.09 15.88
C ALA A 364 -8.44 -4.10 17.15
N GLY A 365 -7.82 -3.85 18.30
CA GLY A 365 -8.58 -3.95 19.54
C GLY A 365 -9.34 -2.70 19.97
N GLN A 366 -9.28 -1.65 19.17
CA GLN A 366 -9.80 -0.37 19.60
C GLN A 366 -11.29 -0.47 19.92
N ARG A 367 -11.70 0.12 21.03
CA ARG A 367 -13.10 -0.02 21.49
C ARG A 367 -14.01 1.21 21.30
N VAL A 368 -13.51 2.30 20.70
CA VAL A 368 -14.35 3.46 20.48
C VAL A 368 -14.02 4.12 19.15
N ALA A 369 -15.06 4.53 18.40
CA ALA A 369 -14.97 4.74 16.95
C ALA A 369 -14.24 3.55 16.32
N ALA A 370 -14.69 2.34 16.69
CA ALA A 370 -13.96 1.10 16.36
C ALA A 370 -13.77 1.16 14.85
N GLU A 371 -14.88 1.48 14.16
CA GLU A 371 -14.98 1.56 12.72
C GLU A 371 -14.68 0.17 12.25
N ASN A 372 -15.23 -0.79 12.97
CA ASN A 372 -15.06 -2.16 12.61
C ASN A 372 -13.61 -2.57 12.35
N GLN A 373 -12.68 -1.92 13.02
CA GLN A 373 -11.27 -2.28 12.89
C GLN A 373 -10.94 -3.70 13.31
N LYS A 374 -11.71 -4.32 14.19
CA LYS A 374 -11.45 -5.68 14.65
C LYS A 374 -11.69 -6.71 13.53
N GLU A 375 -12.77 -6.52 12.79
CA GLU A 375 -13.00 -7.34 11.64
C GLU A 375 -11.92 -7.17 10.62
N GLN A 376 -11.60 -5.92 10.29
CA GLN A 376 -10.54 -5.64 9.31
C GLN A 376 -9.27 -6.39 9.66
N PHE A 377 -9.13 -6.75 10.91
CA PHE A 377 -8.05 -7.59 11.24
C PHE A 377 -8.48 -9.06 11.09
N GLU A 378 -9.38 -9.53 11.95
CA GLU A 378 -9.80 -10.89 11.95
C GLU A 378 -10.13 -11.48 10.60
N TYR A 379 -10.97 -10.80 9.83
CA TYR A 379 -11.44 -11.34 8.56
C TYR A 379 -10.30 -11.49 7.53
N VAL A 380 -9.44 -10.48 7.42
CA VAL A 380 -8.34 -10.55 6.46
C VAL A 380 -7.34 -11.62 6.87
N ARG A 381 -6.95 -11.65 8.13
CA ARG A 381 -6.09 -12.75 8.57
C ARG A 381 -6.71 -14.14 8.37
N GLN A 382 -8.02 -14.30 8.53
CA GLN A 382 -8.72 -15.57 8.32
C GLN A 382 -8.61 -16.05 6.89
N MET A 383 -8.43 -15.09 5.99
CA MET A 383 -8.60 -15.38 4.61
C MET A 383 -7.27 -15.47 3.91
N MET A 384 -6.30 -14.67 4.34
CA MET A 384 -4.97 -14.85 3.84
C MET A 384 -4.60 -16.26 4.25
N ASP A 385 -5.05 -16.67 5.43
CA ASP A 385 -4.75 -18.00 5.91
C ASP A 385 -5.57 -19.07 5.23
N ALA A 386 -6.79 -18.74 4.82
CA ALA A 386 -7.64 -19.69 4.12
C ALA A 386 -6.93 -20.18 2.89
N PHE A 387 -6.16 -19.28 2.27
CA PHE A 387 -5.50 -19.57 1.03
C PHE A 387 -4.07 -20.03 1.21
N ASP A 388 -3.47 -19.82 2.38
CA ASP A 388 -2.05 -20.14 2.57
C ASP A 388 -1.87 -21.62 2.36
N GLY A 389 -0.78 -21.93 1.65
CA GLY A 389 -0.37 -23.28 1.34
C GLY A 389 -1.16 -23.88 0.22
N SER A 390 -1.88 -23.06 -0.53
CA SER A 390 -2.63 -23.61 -1.63
C SER A 390 -2.55 -22.81 -2.94
N LYS A 391 -3.47 -23.10 -3.86
CA LYS A 391 -3.44 -22.61 -5.24
C LYS A 391 -4.72 -21.84 -5.50
N ALA A 392 -4.62 -20.79 -6.31
CA ALA A 392 -5.82 -20.15 -6.79
C ALA A 392 -5.74 -20.02 -8.30
N LYS A 393 -6.86 -20.23 -8.97
CA LYS A 393 -6.94 -20.00 -10.40
C LYS A 393 -6.89 -18.50 -10.75
N ILE A 394 -5.72 -18.03 -11.14
CA ILE A 394 -5.52 -16.65 -11.53
C ILE A 394 -5.61 -16.49 -13.06
N THR A 395 -5.72 -15.24 -13.54
CA THR A 395 -5.42 -14.98 -14.95
C THR A 395 -4.29 -13.95 -15.09
N ILE A 396 -3.37 -14.18 -16.03
CA ILE A 396 -2.23 -13.29 -16.18
C ILE A 396 -2.41 -12.57 -17.48
N GLN A 397 -2.29 -11.25 -17.47
CA GLN A 397 -2.48 -10.54 -18.72
C GLN A 397 -1.16 -10.51 -19.44
N THR A 398 -1.15 -11.01 -20.67
CA THR A 398 0.06 -11.20 -21.46
C THR A 398 0.24 -10.13 -22.51
N GLY A 399 -0.88 -9.61 -23.04
CA GLY A 399 -0.85 -8.59 -24.06
C GLY A 399 -2.07 -7.73 -23.83
N SER A 400 -2.24 -6.70 -24.66
CA SER A 400 -3.37 -5.79 -24.50
C SER A 400 -4.68 -6.50 -24.84
N ASN A 401 -4.57 -7.66 -25.45
CA ASN A 401 -5.76 -8.38 -25.84
C ASN A 401 -5.74 -9.84 -25.42
N THR A 402 -4.72 -10.22 -24.66
CA THR A 402 -4.52 -11.63 -24.36
C THR A 402 -4.23 -11.84 -22.91
N GLU A 403 -4.66 -13.01 -22.43
CA GLU A 403 -4.36 -13.50 -21.10
C GLU A 403 -4.24 -15.03 -21.11
N VAL A 404 -3.72 -15.60 -20.03
CA VAL A 404 -3.69 -17.06 -19.83
C VAL A 404 -4.19 -17.43 -18.44
N GLU A 405 -4.71 -18.66 -18.24
CA GLU A 405 -5.01 -19.13 -16.89
C GLU A 405 -3.89 -19.95 -16.23
N THR A 406 -3.84 -19.92 -14.90
CA THR A 406 -2.90 -20.70 -14.09
C THR A 406 -3.29 -20.75 -12.65
N ALA A 407 -2.95 -21.85 -12.01
CA ALA A 407 -2.79 -21.90 -10.58
C ALA A 407 -1.58 -21.07 -10.21
N VAL A 408 -1.71 -20.29 -9.15
CA VAL A 408 -0.58 -19.64 -8.48
C VAL A 408 -0.63 -20.12 -7.06
N GLY A 409 0.51 -20.61 -6.57
CA GLY A 409 0.65 -20.95 -5.16
C GLY A 409 0.74 -19.68 -4.35
N TYR A 410 0.41 -19.78 -3.06
CA TYR A 410 0.29 -18.60 -2.19
C TYR A 410 0.74 -18.89 -0.78
N GLN A 411 1.64 -18.06 -0.30
CA GLN A 411 2.11 -18.14 1.05
C GLN A 411 1.77 -16.80 1.69
N ALA A 412 1.19 -16.81 2.89
CA ALA A 412 0.79 -15.53 3.51
C ALA A 412 1.51 -15.18 4.81
N ARG A 413 1.87 -13.90 4.99
CA ARG A 413 2.41 -13.40 6.27
C ARG A 413 1.70 -12.11 6.70
N MET A 414 1.18 -12.07 7.90
CA MET A 414 0.36 -10.95 8.30
C MET A 414 0.65 -10.51 9.72
N SER A 415 0.82 -9.18 9.89
CA SER A 415 1.04 -8.55 11.20
C SER A 415 0.03 -7.46 11.38
N SER A 416 -0.15 -7.03 12.62
CA SER A 416 -1.08 -5.94 12.92
C SER A 416 -0.64 -5.22 14.15
N TRP A 417 0.07 -4.12 13.99
CA TRP A 417 0.46 -3.34 15.15
C TRP A 417 0.00 -1.97 14.89
N GLY A 418 -0.95 -1.50 15.67
CA GLY A 418 -1.58 -0.21 15.42
C GLY A 418 -0.61 0.94 15.58
N VAL A 419 -1.06 2.12 15.22
CA VAL A 419 -0.15 3.23 15.06
C VAL A 419 -0.73 4.55 15.58
N ASN A 420 -1.97 4.49 16.08
CA ASN A 420 -2.64 5.66 16.52
C ASN A 420 -2.64 5.80 18.03
N TRP A 421 -3.37 6.78 18.51
CA TRP A 421 -3.42 6.99 19.93
C TRP A 421 -3.79 5.76 20.78
N PHE A 422 -4.54 4.84 20.19
CA PHE A 422 -5.06 3.66 20.87
C PHE A 422 -4.19 2.42 20.69
N ARG A 423 -3.03 2.58 20.07
CA ARG A 423 -2.25 1.44 19.64
C ARG A 423 -1.83 0.53 20.77
N GLN A 424 -1.41 1.12 21.88
CA GLN A 424 -1.19 0.35 23.11
C GLN A 424 -1.73 1.17 24.26
N VAL A 425 -2.43 0.51 25.18
CA VAL A 425 -3.21 1.21 26.17
C VAL A 425 -2.83 0.80 27.58
N GLY A 426 -3.07 1.66 28.56
CA GLY A 426 -2.61 1.39 29.91
C GLY A 426 -3.31 0.16 30.41
N ALA A 427 -2.72 -0.50 31.39
CA ALA A 427 -3.36 -1.67 31.96
C ALA A 427 -4.74 -1.26 32.50
N LEU A 428 -5.76 -2.06 32.17
CA LEU A 428 -7.15 -1.84 32.64
C LEU A 428 -7.94 -0.73 31.92
N ASN A 429 -7.30 -0.09 30.95
CA ASN A 429 -7.92 0.96 30.17
C ASN A 429 -8.99 0.37 29.27
N PRO A 430 -10.25 0.77 29.48
CA PRO A 430 -11.34 0.19 28.70
C PRO A 430 -11.37 0.62 27.24
N LEU A 431 -10.58 1.63 26.86
CA LEU A 431 -10.71 2.18 25.49
C LEU A 431 -10.29 1.23 24.37
N SER A 432 -9.54 0.19 24.71
CA SER A 432 -9.05 -0.73 23.69
C SER A 432 -8.49 -2.00 24.29
N ASP A 433 -8.69 -3.08 23.56
CA ASP A 433 -8.31 -4.42 23.96
C ASP A 433 -6.99 -4.76 23.31
N ASN A 434 -5.91 -4.64 24.06
CA ASN A 434 -4.58 -4.83 23.48
C ASN A 434 -4.27 -6.20 22.89
N SER A 435 -4.93 -7.25 23.35
CA SER A 435 -4.49 -8.61 23.03
C SER A 435 -5.25 -9.22 21.87
N VAL A 436 -6.10 -8.44 21.21
CA VAL A 436 -6.81 -8.93 20.02
C VAL A 436 -5.85 -9.53 18.97
N THR A 437 -4.67 -8.92 18.79
CA THR A 437 -3.68 -9.40 17.86
C THR A 437 -2.43 -10.05 18.48
N LYS A 438 -2.39 -10.18 19.81
CA LYS A 438 -1.21 -10.75 20.50
C LYS A 438 -0.74 -12.07 19.86
N ASN A 439 -1.66 -13.02 19.69
CA ASN A 439 -1.37 -14.28 18.99
C ASN A 439 -0.79 -14.15 17.57
N GLN A 440 -1.49 -13.41 16.69
CA GLN A 440 -1.07 -13.32 15.27
C GLN A 440 0.31 -12.74 15.15
N ASN A 441 0.55 -11.66 15.87
CA ASN A 441 1.84 -11.00 15.78
C ASN A 441 2.91 -11.92 16.29
N ALA A 442 2.57 -12.73 17.28
CA ALA A 442 3.55 -13.63 17.87
C ALA A 442 3.98 -14.60 16.79
N ARG A 443 2.96 -15.13 16.12
CA ARG A 443 3.12 -16.04 15.01
C ARG A 443 3.97 -15.40 13.91
N PHE A 444 3.61 -14.18 13.53
CA PHE A 444 4.26 -13.50 12.41
C PHE A 444 5.77 -13.43 12.64
N VAL A 445 6.12 -12.95 13.81
CA VAL A 445 7.50 -12.86 14.21
C VAL A 445 8.22 -14.21 14.12
N ASN A 446 7.53 -15.29 14.50
CA ASN A 446 8.11 -16.63 14.33
C ASN A 446 8.36 -16.98 12.85
N GLN A 447 7.32 -16.86 12.03
CA GLN A 447 7.41 -17.16 10.61
C GLN A 447 8.56 -16.37 9.96
N MET A 448 8.61 -15.07 10.22
CA MET A 448 9.59 -14.22 9.56
C MET A 448 11.00 -14.54 10.01
N THR A 449 11.18 -15.05 11.24
CA THR A 449 12.54 -15.38 11.70
C THR A 449 13.03 -16.67 11.06
N ASP A 450 12.17 -17.68 11.05
CA ASP A 450 12.40 -18.92 10.34
C ASP A 450 12.71 -18.64 8.90
N ASP A 451 11.97 -17.72 8.28
CA ASP A 451 12.18 -17.45 6.88
C ASP A 451 13.58 -16.97 6.63
N VAL A 452 14.06 -16.14 7.54
CA VAL A 452 15.40 -15.60 7.45
C VAL A 452 16.39 -16.68 7.76
N ILE A 453 16.20 -17.36 8.90
CA ILE A 453 17.03 -18.52 9.23
C ILE A 453 17.23 -19.47 8.00
N ARG A 454 16.13 -20.06 7.52
CA ARG A 454 16.13 -20.92 6.32
C ARG A 454 16.75 -20.23 5.13
N ASN A 455 16.71 -18.91 5.10
CA ASN A 455 17.42 -18.18 4.05
C ASN A 455 18.89 -18.01 4.32
N LEU A 456 19.26 -17.97 5.59
CA LEU A 456 20.65 -17.77 5.94
C LEU A 456 21.40 -19.05 5.72
N ASP A 457 21.02 -20.10 6.44
CA ASP A 457 21.55 -21.45 6.25
C ASP A 457 21.81 -21.76 4.78
N LYS A 458 20.94 -21.24 3.92
CA LYS A 458 21.01 -21.43 2.48
C LYS A 458 22.24 -20.76 1.83
N VAL A 459 22.51 -19.49 2.18
CA VAL A 459 23.69 -18.78 1.68
C VAL A 459 24.83 -18.67 2.72
N ALA A 460 24.53 -19.12 3.95
CA ALA A 460 25.50 -19.14 5.05
C ALA A 460 26.61 -20.13 4.74
N GLN A 461 26.21 -21.33 4.35
CA GLN A 461 27.14 -22.38 4.07
C GLN A 461 28.20 -21.94 3.05
N ASN A 462 27.75 -21.16 2.08
CA ASN A 462 28.54 -20.85 0.88
C ASN A 462 29.59 -19.75 0.99
N LEU A 463 29.20 -18.55 1.41
CA LEU A 463 30.20 -17.50 1.47
C LEU A 463 30.92 -17.41 2.84
N GLY A 464 32.05 -18.13 2.91
CA GLY A 464 32.82 -18.31 4.13
C GLY A 464 34.25 -17.81 4.07
N ASP A 465 34.56 -16.93 3.14
CA ASP A 465 35.80 -16.17 3.20
C ASP A 465 35.56 -14.95 4.10
N TYR A 466 34.38 -14.93 4.75
CA TYR A 466 33.95 -13.86 5.65
C TYR A 466 33.40 -14.53 6.90
N ASP A 467 34.17 -14.49 7.98
CA ASP A 467 33.93 -15.37 9.12
C ASP A 467 33.11 -14.78 10.25
N LYS A 468 32.97 -13.44 10.29
CA LYS A 468 32.08 -12.86 11.30
C LYS A 468 30.64 -13.02 10.85
N ALA A 469 30.49 -13.36 9.58
CA ALA A 469 29.20 -13.71 8.99
C ALA A 469 28.67 -14.99 9.62
N GLY A 470 29.55 -15.99 9.66
CA GLY A 470 29.24 -17.31 10.21
C GLY A 470 28.94 -17.30 11.70
N ALA A 471 29.56 -16.39 12.44
CA ALA A 471 29.33 -16.34 13.89
C ALA A 471 28.01 -15.62 14.13
N LEU A 472 27.79 -14.52 13.41
CA LEU A 472 26.51 -13.85 13.47
C LEU A 472 25.44 -14.89 13.24
N HIS A 473 25.59 -15.61 12.12
CA HIS A 473 24.69 -16.69 11.75
C HIS A 473 24.42 -17.62 12.91
N THR A 474 25.50 -18.15 13.50
CA THR A 474 25.37 -19.05 14.66
C THR A 474 24.45 -18.49 15.76
N LEU A 475 24.50 -17.18 15.97
CA LEU A 475 23.70 -16.57 17.03
C LEU A 475 22.24 -16.42 16.62
N LEU A 476 22.00 -15.84 15.45
CA LEU A 476 20.65 -15.65 14.97
C LEU A 476 19.87 -16.93 14.92
N LYS A 477 20.57 -18.03 14.76
CA LYS A 477 19.92 -19.33 14.87
C LYS A 477 18.91 -19.38 16.02
N GLY A 478 19.03 -18.50 17.01
CA GLY A 478 18.16 -18.59 18.19
C GLY A 478 18.32 -19.91 18.94
N PRO A 479 17.28 -20.33 19.67
CA PRO A 479 17.31 -21.65 20.32
C PRO A 479 16.78 -22.78 19.46
N ASP A 480 17.20 -24.01 19.78
CA ASP A 480 16.64 -25.21 19.16
C ASP A 480 15.14 -25.31 19.41
N VAL A 481 14.34 -25.20 18.35
CA VAL A 481 12.90 -25.09 18.53
C VAL A 481 12.07 -25.94 17.56
N SER A 482 12.77 -26.71 16.73
CA SER A 482 12.15 -27.44 15.62
C SER A 482 11.33 -28.62 16.13
N ASP A 483 11.60 -29.03 17.36
CA ASP A 483 10.71 -29.94 18.01
C ASP A 483 9.28 -29.41 17.88
N LEU A 484 9.07 -28.18 18.32
CA LEU A 484 7.78 -27.52 18.23
C LEU A 484 7.39 -27.05 16.81
N ASN A 485 8.38 -26.65 16.02
CA ASN A 485 8.11 -26.24 14.63
C ASN A 485 7.46 -27.33 13.82
N GLN A 486 7.94 -28.54 14.10
CA GLN A 486 7.54 -29.78 13.46
C GLN A 486 6.05 -29.97 13.68
N GLN A 487 5.66 -30.02 14.95
CA GLN A 487 4.25 -30.11 15.34
C GLN A 487 3.43 -29.02 14.65
N ILE A 488 3.97 -27.80 14.64
CA ILE A 488 3.34 -26.72 13.87
C ILE A 488 3.13 -27.16 12.43
N THR A 489 4.17 -27.62 11.76
CA THR A 489 3.97 -27.86 10.35
C THR A 489 3.13 -29.12 10.03
N GLU A 490 3.12 -30.13 10.91
CA GLU A 490 2.12 -31.22 10.82
C GLU A 490 0.68 -30.68 10.87
N LYS A 491 0.43 -29.74 11.77
CA LYS A 491 -0.94 -29.32 12.07
C LYS A 491 -1.45 -28.32 11.05
N GLU A 492 -0.52 -27.53 10.54
CA GLU A 492 -0.78 -26.65 9.43
C GLU A 492 -1.15 -27.53 8.20
N ASN A 493 -0.42 -28.61 8.00
CA ASN A 493 -0.74 -29.49 6.89
C ASN A 493 -2.08 -30.19 7.02
N ALA A 494 -2.43 -30.59 8.24
CA ALA A 494 -3.75 -31.19 8.49
C ALA A 494 -4.90 -30.24 8.13
N LEU A 495 -4.59 -28.95 8.08
CA LEU A 495 -5.60 -27.92 7.95
C LEU A 495 -5.98 -27.66 6.51
N LYS A 496 -5.11 -28.04 5.59
CA LYS A 496 -5.24 -27.65 4.20
C LYS A 496 -6.50 -28.10 3.46
N GLU A 497 -6.87 -29.37 3.62
CA GLU A 497 -8.07 -29.87 2.99
C GLU A 497 -9.34 -29.18 3.48
N VAL A 498 -9.40 -28.94 4.78
CA VAL A 498 -10.57 -28.28 5.37
C VAL A 498 -10.72 -26.87 4.84
N LYS A 499 -9.61 -26.16 4.74
CA LYS A 499 -9.66 -24.79 4.30
C LYS A 499 -10.22 -24.74 2.89
N GLY A 500 -9.80 -25.67 2.06
CA GLY A 500 -10.24 -25.68 0.68
C GLY A 500 -11.73 -25.88 0.52
N ALA A 501 -12.30 -26.80 1.29
CA ALA A 501 -13.72 -27.01 1.23
C ALA A 501 -14.42 -25.75 1.68
N TYR A 502 -13.82 -25.15 2.71
CA TYR A 502 -14.36 -23.98 3.34
C TYR A 502 -14.44 -22.83 2.35
N ARG A 503 -13.40 -22.68 1.54
CA ARG A 503 -13.39 -21.63 0.54
C ARG A 503 -14.47 -21.85 -0.51
N GLU A 504 -14.60 -23.08 -0.97
CA GLU A 504 -15.58 -23.38 -2.00
C GLU A 504 -16.97 -23.15 -1.45
N ALA A 505 -17.16 -23.55 -0.20
CA ALA A 505 -18.44 -23.39 0.45
C ALA A 505 -18.78 -21.92 0.53
N LEU A 506 -17.76 -21.13 0.83
CA LEU A 506 -17.92 -19.69 1.03
C LEU A 506 -18.19 -18.98 -0.30
N PHE A 507 -17.45 -19.36 -1.33
CA PHE A 507 -17.79 -18.90 -2.67
C PHE A 507 -19.23 -19.25 -2.99
N SER A 508 -19.57 -20.52 -2.82
CA SER A 508 -20.94 -20.99 -2.99
C SER A 508 -21.97 -20.15 -2.22
N TYR A 509 -21.77 -20.00 -0.92
CA TYR A 509 -22.71 -19.24 -0.12
C TYR A 509 -22.95 -17.89 -0.76
N PHE A 510 -21.86 -17.14 -1.03
CA PHE A 510 -21.99 -15.81 -1.61
C PHE A 510 -22.80 -15.77 -2.92
N GLU A 511 -22.64 -16.82 -3.73
CA GLU A 511 -23.40 -16.94 -4.98
C GLU A 511 -24.94 -16.85 -4.82
N GLU A 512 -25.51 -17.63 -3.88
CA GLU A 512 -26.93 -17.46 -3.49
C GLU A 512 -27.22 -16.07 -2.91
N TYR A 513 -26.52 -15.70 -1.83
CA TYR A 513 -26.81 -14.46 -1.12
C TYR A 513 -26.90 -13.25 -2.07
N GLN A 514 -26.19 -13.37 -3.17
CA GLN A 514 -26.14 -12.33 -4.17
C GLN A 514 -27.53 -12.08 -4.73
N LYS A 515 -28.30 -13.15 -4.87
CA LYS A 515 -29.61 -13.08 -5.52
C LYS A 515 -30.58 -12.14 -4.82
N GLY A 516 -30.58 -12.14 -3.49
CA GLY A 516 -31.49 -11.29 -2.75
C GLY A 516 -32.67 -12.03 -2.15
N GLU A 517 -33.33 -11.41 -1.19
CA GLU A 517 -34.37 -12.07 -0.43
C GLU A 517 -35.50 -12.52 -1.35
N GLY A 518 -35.83 -11.68 -2.33
CA GLY A 518 -36.89 -12.03 -3.24
C GLY A 518 -36.54 -13.29 -4.00
N LYS A 519 -35.29 -13.40 -4.45
CA LYS A 519 -34.88 -14.56 -5.22
C LYS A 519 -34.12 -15.66 -4.47
N TRP A 520 -33.85 -15.46 -3.19
CA TRP A 520 -33.08 -16.45 -2.45
C TRP A 520 -33.85 -17.72 -2.35
N ASP A 521 -33.15 -18.85 -2.27
CA ASP A 521 -33.77 -20.08 -1.86
C ASP A 521 -33.32 -20.30 -0.43
N GLN A 522 -34.25 -20.24 0.50
CA GLN A 522 -33.90 -20.25 1.90
C GLN A 522 -33.24 -21.53 2.35
N ALA A 523 -33.74 -22.65 1.86
CA ALA A 523 -33.23 -23.95 2.29
C ALA A 523 -31.77 -24.10 1.89
N LYS A 524 -31.47 -23.70 0.66
CA LYS A 524 -30.11 -23.78 0.17
C LYS A 524 -29.22 -22.90 1.01
N LEU A 525 -29.72 -21.72 1.33
CA LEU A 525 -28.93 -20.73 2.06
C LEU A 525 -28.56 -21.22 3.44
N ASP A 526 -29.52 -21.80 4.16
CA ASP A 526 -29.22 -22.29 5.49
C ASP A 526 -28.24 -23.42 5.43
N GLN A 527 -28.46 -24.33 4.47
CA GLN A 527 -27.50 -25.39 4.20
C GLN A 527 -26.09 -24.85 4.07
N LEU A 528 -25.96 -23.87 3.20
CA LEU A 528 -24.67 -23.29 2.90
C LEU A 528 -24.03 -22.63 4.11
N LYS A 529 -24.83 -21.85 4.84
CA LYS A 529 -24.34 -21.25 6.07
C LYS A 529 -23.86 -22.30 7.05
N ASN A 530 -24.71 -23.27 7.39
CA ASN A 530 -24.33 -24.32 8.32
C ASN A 530 -23.12 -25.16 7.92
N GLN A 531 -22.95 -25.40 6.63
CA GLN A 531 -21.71 -25.96 6.10
C GLN A 531 -20.46 -25.12 6.52
N VAL A 532 -20.50 -23.83 6.24
CA VAL A 532 -19.39 -22.92 6.51
C VAL A 532 -18.97 -22.93 7.98
N ASP A 533 -19.93 -22.63 8.86
CA ASP A 533 -19.66 -22.54 10.31
C ASP A 533 -19.11 -23.85 10.89
N GLY A 534 -19.58 -24.97 10.34
CA GLY A 534 -19.05 -26.26 10.72
C GLY A 534 -17.57 -26.19 10.46
N TYR A 535 -17.22 -26.08 9.20
CA TYR A 535 -15.84 -25.91 8.79
C TYR A 535 -15.10 -24.86 9.61
N GLU A 536 -15.71 -23.67 9.73
CA GLU A 536 -15.14 -22.60 10.54
C GLU A 536 -14.82 -23.03 11.95
N LYS A 537 -15.86 -23.41 12.71
CA LYS A 537 -15.67 -23.90 14.07
C LYS A 537 -14.46 -24.81 14.07
N SER A 538 -14.45 -25.75 13.13
CA SER A 538 -13.41 -26.78 13.02
C SER A 538 -11.99 -26.21 12.84
N ILE A 539 -11.84 -25.33 11.87
CA ILE A 539 -10.58 -24.65 11.62
C ILE A 539 -10.13 -23.85 12.86
N LYS A 540 -11.02 -22.98 13.34
CA LYS A 540 -10.78 -22.15 14.53
C LYS A 540 -10.17 -22.96 15.65
N LYS A 541 -10.81 -24.08 15.98
CA LYS A 541 -10.28 -25.00 16.99
C LYS A 541 -8.84 -25.35 16.67
N GLN A 542 -8.59 -25.83 15.45
CA GLN A 542 -7.25 -26.24 15.08
C GLN A 542 -6.27 -25.07 15.13
N GLU A 543 -6.73 -23.90 14.69
CA GLU A 543 -5.86 -22.74 14.62
C GLU A 543 -5.41 -22.33 16.03
N SER A 544 -6.31 -22.50 16.99
CA SER A 544 -6.03 -22.21 18.40
C SER A 544 -4.83 -23.01 18.91
N ALA A 545 -4.81 -24.30 18.58
CA ALA A 545 -3.76 -25.22 19.01
C ALA A 545 -2.41 -24.76 18.51
N ILE A 546 -2.40 -24.30 17.26
CA ILE A 546 -1.20 -23.80 16.57
C ILE A 546 -0.55 -22.60 17.25
N TYR A 547 -1.35 -21.59 17.59
CA TYR A 547 -0.84 -20.48 18.37
C TYR A 547 -0.14 -20.91 19.68
N GLU A 548 -0.71 -21.86 20.41
CA GLU A 548 -0.11 -22.23 21.69
C GLU A 548 1.34 -22.63 21.48
N LEU A 549 1.57 -23.37 20.40
CA LEU A 549 2.89 -23.84 20.09
C LEU A 549 3.75 -22.65 19.65
N HIS A 550 3.10 -21.67 19.04
CA HIS A 550 3.80 -20.45 18.67
C HIS A 550 4.14 -19.63 19.85
N ASN A 551 3.28 -19.61 20.86
CA ASN A 551 3.56 -18.81 22.05
C ASN A 551 4.58 -19.51 22.89
N GLN A 552 4.66 -20.82 22.74
CA GLN A 552 5.68 -21.57 23.45
C GLN A 552 7.01 -21.14 22.85
N ILE A 553 7.07 -21.03 21.53
CA ILE A 553 8.29 -20.58 20.89
C ILE A 553 8.63 -19.16 21.29
N ASP A 554 7.62 -18.28 21.32
CA ASP A 554 7.80 -16.86 21.69
C ASP A 554 8.46 -16.74 23.07
N ALA A 555 7.91 -17.41 24.07
CA ALA A 555 8.50 -17.51 25.39
C ALA A 555 9.99 -17.81 25.27
N LEU A 556 10.31 -18.90 24.57
CA LEU A 556 11.67 -19.33 24.31
C LEU A 556 12.58 -18.32 23.60
N ARG A 557 12.12 -17.70 22.52
CA ARG A 557 12.97 -16.79 21.74
C ARG A 557 13.31 -15.50 22.48
N LYS A 558 12.35 -15.02 23.27
CA LYS A 558 12.50 -13.87 24.14
C LYS A 558 13.66 -14.11 25.08
N ALA A 559 13.55 -15.21 25.84
CA ALA A 559 14.55 -15.63 26.81
C ALA A 559 15.90 -15.51 26.17
N TYR A 560 15.96 -16.00 24.94
CA TYR A 560 17.20 -16.07 24.20
C TYR A 560 17.74 -14.69 23.90
N TYR A 561 16.87 -13.85 23.32
CA TYR A 561 17.21 -12.46 22.98
C TYR A 561 17.86 -11.67 24.12
N THR A 562 17.17 -11.60 25.25
CA THR A 562 17.66 -10.83 26.39
C THR A 562 19.11 -11.23 26.76
N GLU A 563 19.39 -12.53 26.75
CA GLU A 563 20.74 -13.05 26.97
C GLU A 563 21.74 -12.60 25.89
N HIS A 564 21.30 -12.56 24.65
CA HIS A 564 22.29 -12.48 23.59
C HIS A 564 22.31 -11.20 22.86
N LYS A 565 21.32 -10.36 23.15
CA LYS A 565 21.25 -9.02 22.60
C LYS A 565 22.65 -8.43 22.45
N GLY A 566 23.36 -8.24 23.56
CA GLY A 566 24.65 -7.55 23.55
C GLY A 566 25.68 -8.22 22.66
N GLN A 567 25.71 -9.55 22.70
CA GLN A 567 26.57 -10.29 21.79
C GLN A 567 26.21 -10.00 20.34
N ILE A 568 24.94 -10.22 20.00
CA ILE A 568 24.46 -10.15 18.62
C ILE A 568 24.82 -8.83 17.94
N ASN A 569 24.63 -7.72 18.66
CA ASN A 569 24.86 -6.41 18.06
C ASN A 569 26.34 -6.14 17.85
N LYS A 570 27.16 -6.67 18.74
CA LYS A 570 28.61 -6.60 18.56
C LYS A 570 28.94 -7.38 17.29
N ALA A 571 28.38 -8.58 17.17
CA ALA A 571 28.65 -9.48 16.05
C ALA A 571 27.99 -8.99 14.77
N LEU A 572 27.01 -8.13 14.92
CA LEU A 572 26.45 -7.43 13.79
C LEU A 572 27.45 -6.36 13.38
N GLN A 573 28.01 -5.69 14.37
CA GLN A 573 28.87 -4.54 14.13
C GLN A 573 30.15 -5.02 13.53
N GLU A 574 30.57 -6.23 13.88
CA GLU A 574 31.83 -6.77 13.39
C GLU A 574 31.68 -7.12 11.92
N LEU A 575 30.53 -7.69 11.59
CA LEU A 575 30.24 -7.98 10.21
C LEU A 575 30.24 -6.71 9.36
N LYS A 576 29.63 -5.62 9.86
CA LYS A 576 29.74 -4.33 9.16
C LYS A 576 31.21 -4.05 8.87
N GLU A 577 31.99 -3.90 9.95
CA GLU A 577 33.42 -3.60 9.90
C GLU A 577 34.19 -4.37 8.81
N GLN A 578 33.92 -5.67 8.67
CA GLN A 578 34.65 -6.51 7.72
C GLN A 578 34.12 -6.36 6.30
N ILE A 579 32.80 -6.22 6.18
CA ILE A 579 32.10 -6.24 4.90
C ILE A 579 32.29 -4.96 4.10
N SER A 580 32.10 -3.82 4.78
CA SER A 580 32.07 -2.52 4.11
C SER A 580 33.25 -2.30 3.16
N PRO A 581 34.49 -2.24 3.72
CA PRO A 581 35.72 -2.21 2.93
C PRO A 581 35.67 -3.00 1.62
N VAL A 582 35.27 -4.27 1.67
CA VAL A 582 35.09 -5.08 0.45
C VAL A 582 34.15 -4.35 -0.53
N ILE A 583 33.01 -3.86 0.02
CA ILE A 583 31.91 -3.25 -0.74
C ILE A 583 32.35 -2.04 -1.54
N GLN A 584 32.92 -1.01 -0.90
CA GLN A 584 33.39 0.16 -1.65
C GLN A 584 34.37 -0.21 -2.74
N ASN A 585 35.16 -1.26 -2.49
CA ASN A 585 36.20 -1.63 -3.44
C ASN A 585 35.67 -2.04 -4.79
N LYS A 586 36.15 -1.29 -5.79
CA LYS A 586 35.69 -1.34 -7.17
C LYS A 586 36.02 -2.62 -7.94
N GLU A 587 36.91 -3.45 -7.43
CA GLU A 587 37.23 -4.66 -8.17
C GLU A 587 36.24 -5.78 -7.91
N THR A 588 35.71 -5.83 -6.70
CA THR A 588 34.65 -6.78 -6.37
C THR A 588 33.51 -6.64 -7.38
N ASP A 589 33.13 -7.77 -7.98
CA ASP A 589 32.08 -7.78 -9.00
C ASP A 589 30.70 -7.35 -8.43
N PRO A 590 29.74 -6.98 -9.33
CA PRO A 590 28.44 -6.50 -8.87
C PRO A 590 27.58 -7.58 -8.20
N GLU A 591 27.85 -8.85 -8.52
CA GLU A 591 27.04 -9.95 -8.00
C GLU A 591 27.40 -10.31 -6.55
N THR A 592 28.68 -10.38 -6.22
CA THR A 592 29.06 -10.77 -4.86
C THR A 592 28.60 -9.72 -3.86
N LYS A 593 28.75 -8.45 -4.25
CA LYS A 593 28.38 -7.27 -3.44
C LYS A 593 26.94 -7.27 -2.91
N SER A 594 25.99 -7.62 -3.78
CA SER A 594 24.56 -7.65 -3.42
C SER A 594 24.26 -8.78 -2.47
N ARG A 595 25.00 -9.89 -2.59
CA ARG A 595 24.90 -10.99 -1.64
C ARG A 595 25.44 -10.61 -0.27
N LEU A 596 26.32 -9.61 -0.19
CA LEU A 596 26.77 -9.14 1.12
C LEU A 596 25.67 -8.25 1.65
N GLN A 597 25.35 -7.21 0.88
CA GLN A 597 24.33 -6.29 1.25
C GLN A 597 23.08 -7.00 1.76
N HIS A 598 22.71 -8.06 1.06
CA HIS A 598 21.44 -8.71 1.33
C HIS A 598 21.55 -9.49 2.59
N PHE A 599 22.72 -10.06 2.82
CA PHE A 599 22.95 -10.81 4.01
C PHE A 599 22.93 -9.90 5.22
N TYR A 600 23.64 -8.76 5.12
CA TYR A 600 23.76 -7.86 6.24
C TYR A 600 22.44 -7.17 6.59
N ASN A 601 21.77 -6.65 5.57
CA ASN A 601 20.57 -5.91 5.80
C ASN A 601 19.57 -6.85 6.36
N SER A 602 19.44 -7.99 5.70
CA SER A 602 18.49 -8.98 6.15
C SER A 602 18.71 -9.18 7.68
N CYS A 603 19.95 -9.41 8.09
CA CYS A 603 20.26 -9.49 9.51
C CYS A 603 19.97 -8.22 10.32
N ALA A 604 20.45 -7.06 9.88
CA ALA A 604 20.15 -5.79 10.60
C ALA A 604 18.66 -5.56 10.85
N TYR A 605 17.83 -5.89 9.88
CA TYR A 605 16.42 -5.65 10.06
C TYR A 605 15.84 -6.56 11.14
N LEU A 606 16.22 -7.84 11.10
CA LEU A 606 15.67 -8.75 12.05
C LEU A 606 16.06 -8.30 13.44
N THR A 607 17.35 -8.14 13.71
CA THR A 607 17.80 -7.80 15.06
C THR A 607 17.10 -6.55 15.60
N GLN A 608 17.01 -5.53 14.74
CA GLN A 608 16.42 -4.26 15.15
C GLN A 608 14.95 -4.38 15.35
N ALA A 609 14.30 -5.29 14.63
CA ALA A 609 12.93 -5.63 15.00
C ALA A 609 12.84 -6.45 16.29
N GLN A 610 13.71 -7.43 16.47
CA GLN A 610 13.69 -8.19 17.73
C GLN A 610 13.73 -7.25 18.94
N GLU A 611 14.57 -6.21 18.86
CA GLU A 611 14.67 -5.27 19.98
C GLU A 611 13.31 -4.68 20.38
N LEU A 612 12.65 -4.03 19.41
CA LEU A 612 11.36 -3.41 19.64
C LEU A 612 10.28 -4.42 20.04
N TYR A 613 10.36 -5.63 19.51
CA TYR A 613 9.29 -6.56 19.76
C TYR A 613 9.42 -7.29 21.09
N TYR A 614 10.58 -7.85 21.35
CA TYR A 614 10.77 -8.62 22.57
C TYR A 614 10.80 -7.71 23.82
N GLU A 615 11.34 -6.52 23.67
CA GLU A 615 11.33 -5.56 24.79
C GLU A 615 10.07 -4.74 24.86
N ASN A 616 9.16 -4.98 23.93
CA ASN A 616 7.83 -4.37 23.94
C ASN A 616 7.94 -2.87 24.00
N THR A 617 8.70 -2.29 23.07
CA THR A 617 8.98 -0.84 23.03
C THR A 617 8.49 -0.22 21.71
N TRP A 618 8.09 -1.09 20.80
CA TRP A 618 7.58 -0.65 19.52
C TRP A 618 6.50 0.37 19.64
N HIS A 619 5.79 0.38 20.77
CA HIS A 619 4.66 1.25 20.89
C HIS A 619 4.95 2.60 21.47
N HIS A 620 6.12 2.77 22.08
CA HIS A 620 6.55 4.07 22.60
C HIS A 620 6.54 5.14 21.53
N GLY A 621 5.89 6.29 21.80
CA GLY A 621 5.79 7.41 20.85
C GLY A 621 6.99 7.60 19.93
N LYS A 622 8.18 7.63 20.50
CA LYS A 622 9.38 7.80 19.72
C LYS A 622 9.74 6.62 18.82
N ASN A 623 8.91 5.59 18.76
CA ASN A 623 9.23 4.40 17.95
C ASN A 623 8.10 4.05 17.09
N ASN A 624 7.17 4.98 17.00
CA ASN A 624 5.87 4.70 16.49
C ASN A 624 5.78 3.83 15.26
N PHE A 625 6.47 4.15 14.18
CA PHE A 625 6.22 3.28 13.04
C PHE A 625 7.34 2.26 12.83
N LYS A 626 8.30 2.23 13.76
CA LYS A 626 9.57 1.52 13.51
C LYS A 626 9.44 0.01 13.27
N LEU A 627 8.79 -0.72 14.18
CA LEU A 627 8.63 -2.16 14.00
C LEU A 627 7.93 -2.55 12.69
N GLN A 628 6.92 -1.80 12.29
CA GLN A 628 6.18 -2.14 11.07
C GLN A 628 7.07 -1.93 9.84
N THR A 629 7.79 -0.81 9.86
CA THR A 629 8.63 -0.46 8.76
C THR A 629 9.80 -1.44 8.62
N LEU A 630 10.30 -1.93 9.76
CA LEU A 630 11.43 -2.83 9.74
C LEU A 630 10.96 -4.15 9.28
N MET A 631 9.74 -4.53 9.64
CA MET A 631 9.22 -5.79 9.15
C MET A 631 8.91 -5.76 7.67
N ALA A 632 8.40 -4.64 7.19
CA ALA A 632 8.10 -4.56 5.81
C ALA A 632 9.43 -4.53 5.06
N SER A 633 10.41 -3.83 5.60
CA SER A 633 11.68 -3.69 4.88
C SER A 633 12.34 -5.06 4.74
N LEU A 634 12.13 -5.86 5.75
CA LEU A 634 12.58 -7.21 5.77
C LEU A 634 11.91 -8.01 4.67
N SER A 635 10.59 -7.94 4.59
CA SER A 635 9.88 -8.71 3.59
C SER A 635 10.36 -8.35 2.18
N CYS A 636 10.73 -7.08 2.00
CA CYS A 636 11.36 -6.70 0.73
C CYS A 636 12.75 -7.31 0.59
N GLU A 637 13.55 -7.34 1.64
CA GLU A 637 14.79 -8.13 1.54
C GLU A 637 14.59 -9.61 1.13
N LEU A 638 13.56 -10.28 1.63
CA LEU A 638 13.37 -11.71 1.34
C LEU A 638 12.65 -11.92 0.04
N ASP A 639 12.45 -10.82 -0.67
CA ASP A 639 11.79 -10.79 -1.97
C ASP A 639 10.27 -11.04 -2.00
N TYR A 640 9.64 -11.08 -0.83
CA TYR A 640 8.15 -11.06 -0.73
C TYR A 640 7.51 -9.79 -1.33
N ALA A 641 6.21 -9.83 -1.64
CA ALA A 641 5.44 -8.64 -2.04
C ALA A 641 4.87 -7.98 -0.80
N ASN A 642 5.27 -6.73 -0.50
CA ASN A 642 4.77 -6.05 0.71
C ASN A 642 3.50 -5.22 0.49
N THR A 643 2.41 -5.62 1.12
CA THR A 643 1.18 -4.86 1.06
C THR A 643 1.02 -4.28 2.45
N LYS A 644 0.55 -3.06 2.50
CA LYS A 644 0.57 -2.36 3.75
C LYS A 644 -0.62 -1.44 3.75
N GLY A 645 -1.17 -1.18 4.94
CA GLY A 645 -2.21 -0.20 5.02
C GLY A 645 -3.13 -0.14 6.22
N SER A 646 -4.07 0.78 6.07
CA SER A 646 -4.98 1.13 7.10
C SER A 646 -6.37 0.90 6.51
N LYS A 647 -7.36 1.64 6.99
CA LYS A 647 -8.72 1.35 6.62
C LYS A 647 -8.99 1.87 5.21
N SER A 648 -8.61 3.11 4.96
CA SER A 648 -8.85 3.70 3.66
C SER A 648 -7.53 4.01 2.99
N ASN A 649 -6.43 3.73 3.71
CA ASN A 649 -5.06 3.92 3.22
C ASN A 649 -4.83 5.32 2.70
N ASN A 650 -4.98 6.30 3.57
CA ASN A 650 -4.93 7.71 3.19
C ASN A 650 -4.16 8.45 4.23
N ASP A 651 -4.26 7.95 5.44
CA ASP A 651 -3.69 8.59 6.56
C ASP A 651 -2.66 7.60 7.15
N ARG A 652 -3.08 6.66 7.95
CA ARG A 652 -2.05 5.81 8.59
C ARG A 652 -1.19 5.01 7.62
N GLY A 653 -1.86 4.54 6.56
CA GLY A 653 -1.26 3.63 5.59
C GLY A 653 -0.17 4.34 4.85
N GLN A 654 -0.40 5.63 4.62
CA GLN A 654 0.54 6.47 3.91
C GLN A 654 1.77 6.86 4.70
N ARG A 655 1.64 7.17 5.99
CA ARG A 655 2.87 7.54 6.71
C ARG A 655 3.74 6.33 6.91
N LEU A 656 3.13 5.17 7.03
CA LEU A 656 3.92 3.95 6.98
C LEU A 656 4.68 3.88 5.67
N ALA A 657 3.98 4.02 4.56
CA ALA A 657 4.70 4.00 3.28
C ALA A 657 5.85 5.05 3.27
N GLN A 658 5.65 6.16 3.93
CA GLN A 658 6.61 7.19 3.82
C GLN A 658 7.92 6.74 4.46
N LYS A 659 7.81 6.15 5.62
CA LYS A 659 8.93 5.55 6.30
C LYS A 659 9.57 4.39 5.55
N ILE A 660 8.76 3.52 4.95
CA ILE A 660 9.36 2.42 4.22
C ILE A 660 10.17 2.92 3.04
N VAL A 661 9.64 3.85 2.26
CA VAL A 661 10.40 4.38 1.10
C VAL A 661 11.60 5.23 1.47
N GLY A 662 11.46 6.08 2.51
CA GLY A 662 12.55 6.95 2.92
C GLY A 662 13.75 6.10 3.32
N ASN A 663 13.50 5.22 4.25
CA ASN A 663 14.50 4.30 4.60
C ASN A 663 15.10 3.55 3.42
N ALA A 664 14.26 3.13 2.48
CA ALA A 664 14.79 2.45 1.30
C ALA A 664 15.76 3.36 0.53
N LEU A 665 15.36 4.59 0.27
CA LEU A 665 16.21 5.48 -0.49
C LEU A 665 17.44 5.84 0.32
N TRP A 666 17.25 6.13 1.59
CA TRP A 666 18.34 6.61 2.40
C TRP A 666 19.46 5.57 2.44
N THR A 667 19.04 4.31 2.49
CA THR A 667 19.93 3.19 2.54
C THR A 667 20.59 2.95 1.17
N ALA A 668 19.87 3.21 0.10
CA ALA A 668 20.39 2.85 -1.21
C ALA A 668 21.40 3.85 -1.73
N MET A 669 21.60 4.94 -1.02
CA MET A 669 22.36 6.06 -1.50
C MET A 669 23.52 6.36 -0.59
N SER A 670 23.77 5.46 0.35
CA SER A 670 24.87 5.62 1.26
C SER A 670 26.09 5.13 0.48
N GLU A 671 27.29 5.46 0.97
CA GLU A 671 28.55 5.01 0.36
C GLU A 671 28.58 3.49 0.19
N ASP A 672 27.64 2.83 0.84
CA ASP A 672 27.77 1.44 1.19
C ASP A 672 26.54 0.60 0.81
N GLY A 673 25.35 1.11 1.10
CA GLY A 673 24.16 0.32 0.85
C GLY A 673 23.74 -0.49 2.06
N LEU A 674 24.46 -0.34 3.19
CA LEU A 674 24.03 -1.06 4.39
C LEU A 674 23.19 -0.24 5.36
N TYR A 675 22.00 -0.75 5.66
CA TYR A 675 21.05 -0.11 6.57
C TYR A 675 21.67 0.25 7.90
N THR A 676 21.50 1.51 8.30
CA THR A 676 22.12 1.98 9.54
C THR A 676 21.11 2.52 10.54
N GLY A 677 19.82 2.42 10.23
CA GLY A 677 18.77 2.92 11.12
C GLY A 677 18.65 4.44 11.27
N GLU A 678 19.63 5.15 10.73
CA GLU A 678 19.69 6.56 10.93
C GLU A 678 18.42 7.23 10.48
N PHE A 679 17.88 6.81 9.34
CA PHE A 679 16.67 7.45 8.83
C PHE A 679 15.50 7.25 9.77
N LEU A 680 15.37 6.08 10.36
CA LEU A 680 14.35 5.86 11.38
C LEU A 680 14.61 6.55 12.73
N ASP A 681 15.87 6.57 13.16
CA ASP A 681 16.19 7.00 14.51
C ASP A 681 16.30 8.48 14.72
N HIS A 682 16.80 9.19 13.72
CA HIS A 682 16.93 10.64 13.76
C HIS A 682 15.70 11.34 14.31
N ARG A 683 15.92 12.28 15.22
CA ARG A 683 14.84 13.06 15.78
C ARG A 683 14.74 14.30 14.94
N ARG A 684 13.68 14.41 14.14
CA ARG A 684 13.50 15.58 13.27
C ARG A 684 13.31 16.80 14.16
N THR A 685 13.97 17.90 13.82
CA THR A 685 13.93 19.09 14.69
C THR A 685 13.09 20.23 14.16
N HIS A 686 12.73 20.22 12.87
CA HIS A 686 11.94 21.30 12.24
C HIS A 686 12.59 22.64 12.33
N GLY A 687 13.90 22.66 12.51
CA GLY A 687 14.67 23.89 12.58
C GLY A 687 14.83 24.54 11.21
N LYS A 688 15.59 25.61 11.16
CA LYS A 688 15.90 26.18 9.86
C LYS A 688 17.11 25.53 9.21
N GLU A 689 18.01 24.97 10.03
CA GLU A 689 19.11 24.20 9.50
C GLU A 689 18.92 22.76 9.97
N VAL A 690 18.64 21.85 9.04
CA VAL A 690 18.31 20.47 9.42
C VAL A 690 19.27 19.49 8.79
N SER A 691 19.29 18.26 9.27
CA SER A 691 20.18 17.22 8.74
C SER A 691 19.68 16.67 7.43
N ASN A 692 20.55 15.90 6.79
CA ASN A 692 20.23 15.29 5.51
C ASN A 692 19.02 14.34 5.53
N VAL A 693 18.86 13.57 6.59
CA VAL A 693 17.68 12.74 6.63
C VAL A 693 16.43 13.61 6.77
N GLU A 694 16.52 14.70 7.53
CA GLU A 694 15.38 15.59 7.61
C GLU A 694 15.07 16.17 6.25
N GLN A 695 16.12 16.50 5.50
CA GLN A 695 15.94 17.10 4.20
C GLN A 695 15.27 16.11 3.27
N LEU A 696 15.57 14.84 3.46
CA LEU A 696 14.91 13.84 2.69
C LEU A 696 13.49 13.60 3.19
N ASP A 697 13.27 13.55 4.51
CA ASP A 697 11.90 13.32 5.05
C ASP A 697 11.00 14.39 4.44
N ARG A 698 11.46 15.62 4.34
CA ARG A 698 10.70 16.74 3.76
C ARG A 698 10.13 16.55 2.37
N GLU A 699 10.82 15.75 1.59
CA GLU A 699 10.42 15.47 0.26
C GLU A 699 9.23 14.51 0.19
N LEU A 700 9.00 13.73 1.24
CA LEU A 700 8.16 12.55 1.10
C LEU A 700 6.67 12.75 1.19
N THR A 701 6.23 13.91 1.66
CA THR A 701 4.77 14.16 1.79
C THR A 701 4.17 14.59 0.49
N THR A 702 5.01 14.95 -0.47
CA THR A 702 4.48 15.40 -1.76
C THR A 702 3.59 14.34 -2.44
N ILE A 703 4.06 13.11 -2.60
CA ILE A 703 3.32 12.03 -3.28
C ILE A 703 2.08 11.60 -2.52
N GLN A 704 2.13 11.69 -1.19
CA GLN A 704 0.97 11.43 -0.34
C GLN A 704 -0.18 12.34 -0.68
N ALA A 705 0.13 13.62 -0.92
CA ALA A 705 -0.90 14.56 -1.22
C ALA A 705 -1.53 14.32 -2.62
N LEU A 706 -0.72 13.96 -3.61
CA LEU A 706 -1.35 13.63 -4.90
C LEU A 706 -2.20 12.38 -4.79
N HIS A 707 -1.69 11.40 -4.07
CA HIS A 707 -2.46 10.22 -3.84
C HIS A 707 -3.77 10.60 -3.21
N HIS A 708 -3.71 11.46 -2.20
CA HIS A 708 -4.92 11.83 -1.49
C HIS A 708 -5.95 12.52 -2.37
N THR A 709 -5.48 13.46 -3.19
CA THR A 709 -6.30 14.10 -4.21
C THR A 709 -6.96 13.08 -5.14
N ALA A 710 -6.21 12.06 -5.53
CA ALA A 710 -6.69 11.06 -6.45
C ALA A 710 -7.84 10.30 -5.85
N ASN A 711 -7.73 9.90 -4.58
CA ASN A 711 -8.87 9.27 -3.89
C ASN A 711 -10.00 10.25 -3.58
N THR A 712 -9.70 11.40 -2.96
CA THR A 712 -10.76 12.16 -2.31
C THR A 712 -11.23 13.40 -3.06
N GLY A 713 -10.44 13.90 -3.99
CA GLY A 713 -10.76 15.17 -4.67
C GLY A 713 -9.93 16.33 -4.12
N VAL A 714 -9.20 16.08 -3.04
CA VAL A 714 -8.58 17.13 -2.24
C VAL A 714 -7.26 16.60 -1.63
N SER A 715 -6.30 17.47 -1.36
CA SER A 715 -5.02 16.98 -0.79
C SER A 715 -5.17 16.46 0.61
N GLY A 716 -4.21 15.70 1.09
CA GLY A 716 -4.18 15.48 2.49
C GLY A 716 -3.35 14.33 3.00
N GLY A 717 -4.06 13.44 3.69
CA GLY A 717 -3.54 12.64 4.74
C GLY A 717 -3.74 13.50 5.96
N LYS A 718 -4.48 12.97 6.95
CA LYS A 718 -4.71 13.64 8.24
C LYS A 718 -4.31 12.81 9.45
N PHE A 719 -3.32 11.93 9.31
CA PHE A 719 -2.84 11.15 10.44
C PHE A 719 -2.48 12.06 11.56
N GLU A 720 -3.00 11.83 12.76
CA GLU A 720 -2.60 12.56 13.94
C GLU A 720 -1.27 12.06 14.43
N ILE A 721 -0.23 12.83 14.18
CA ILE A 721 1.14 12.51 14.61
C ILE A 721 1.22 12.36 16.13
N GLN A 722 1.78 11.26 16.59
CA GLN A 722 1.82 10.97 18.03
C GLN A 722 3.07 11.49 18.71
N ASP A 723 4.16 11.62 17.93
CA ASP A 723 5.42 12.25 18.36
C ASP A 723 6.03 13.11 17.22
N LYS A 724 6.08 14.43 17.45
CA LYS A 724 6.53 15.32 16.39
C LYS A 724 7.93 15.01 15.85
N ALA A 725 8.76 14.38 16.68
CA ALA A 725 10.11 14.12 16.23
C ALA A 725 10.19 13.07 15.09
N ASN A 726 9.08 12.36 14.84
CA ASN A 726 9.09 11.24 13.89
C ASN A 726 8.94 11.76 12.49
N PHE A 727 8.46 12.99 12.36
CA PHE A 727 8.23 13.53 11.04
C PHE A 727 8.71 14.94 10.76
N ALA A 728 9.17 15.17 9.54
CA ALA A 728 9.63 16.48 9.11
C ALA A 728 8.49 17.49 9.00
N ASP A 729 7.36 17.08 8.43
CA ASP A 729 6.16 17.97 8.37
C ASP A 729 5.31 18.08 9.68
N ASN A 730 4.38 19.02 9.74
CA ASN A 730 3.66 19.34 10.95
C ASN A 730 2.18 19.09 10.87
N GLY A 731 1.73 18.27 9.93
CA GLY A 731 0.35 17.82 9.96
C GLY A 731 -0.56 18.66 9.12
N LEU A 732 -0.05 19.80 8.67
CA LEU A 732 -0.98 20.77 8.13
C LEU A 732 -1.85 20.34 6.92
N PHE A 733 -1.43 19.36 6.12
CA PHE A 733 -2.30 18.90 5.06
C PHE A 733 -3.58 18.27 5.60
N GLY A 734 -3.56 17.88 6.88
CA GLY A 734 -4.73 17.26 7.51
C GLY A 734 -5.86 18.25 7.66
N LYS A 735 -5.55 19.53 7.80
CA LYS A 735 -6.62 20.52 7.82
C LYS A 735 -7.36 20.55 6.49
N VAL A 736 -6.63 20.46 5.39
CA VAL A 736 -7.29 20.49 4.10
C VAL A 736 -7.93 19.16 3.91
N ALA A 737 -7.22 18.10 4.30
CA ALA A 737 -7.82 16.75 4.29
C ALA A 737 -9.30 16.75 4.73
N ASN A 738 -9.67 17.66 5.64
CA ASN A 738 -11.04 17.72 6.18
C ASN A 738 -12.09 18.17 5.23
N PHE A 739 -11.71 18.85 4.16
CA PHE A 739 -12.67 19.33 3.19
C PHE A 739 -13.59 18.23 2.72
N ALA A 740 -13.02 17.05 2.49
CA ALA A 740 -13.79 15.92 1.99
C ALA A 740 -14.84 15.53 3.01
N LYS A 741 -14.46 15.61 4.27
CA LYS A 741 -15.29 15.16 5.38
C LYS A 741 -16.60 15.91 5.55
N ILE A 742 -16.59 17.23 5.34
CA ILE A 742 -17.70 18.04 5.83
C ILE A 742 -19.03 17.56 5.29
N LYS A 743 -19.99 17.40 6.20
CA LYS A 743 -21.32 16.93 5.88
C LYS A 743 -22.32 17.65 6.76
N GLU A 744 -23.54 17.85 6.25
CA GLU A 744 -24.57 18.50 7.05
C GLU A 744 -25.33 17.48 7.91
#